data_4NV0
#
_entry.id   4NV0
#
_cell.length_a   46.670
_cell.length_b   99.110
_cell.length_c   74.120
_cell.angle_alpha   90.00
_cell.angle_beta   90.99
_cell.angle_gamma   90.00
#
_symmetry.space_group_name_H-M   'P 1 21 1'
#
loop_
_entity.id
_entity.type
_entity.pdbx_description
1 polymer "7-methylguanosine phosphate-specific 5'-nucleotidase"
2 non-polymer 'TRIETHYLENE GLYCOL'
3 non-polymer 'MAGNESIUM ION'
4 non-polymer 7-METHYLGUANOSINE
5 non-polymer TRIFLUOROMAGNESATE
6 water water
#
_entity_poly.entity_id   1
_entity_poly.type   'polypeptide(L)'
_entity_poly.pdbx_seq_one_letter_code
;MGFDEKREPTGGRLRLQDIPALTQDHCRMRDPAEVERIINEFVIGGPERMQIVSDFDYTITKQRTEDGGAVPSSFGIFNA
CQSLPENFKAETDKLYHKYRPIEIDPHMPIAEKVQYMIEWWTKSGELTSGFPFDQSEIDQIASKYTHALRDRTHEFFADL
QRLGIPTLVFSAGLGNSVVSVLRQANVLHPNVKVVSNFLQFRDGLLDGFQQPMIHTFNKNETVLNETSEYYDLVHTRDHI
IVMGDSIGDADMASGVPASSHIMKIGFLFDHVEANMKKYMDTFDIVLVDDQTMDVPRTLLSLIEKQHKLNLEAPKQSSL
;
_entity_poly.pdbx_strand_id   A,B
#
loop_
_chem_comp.id
_chem_comp.type
_chem_comp.name
_chem_comp.formula
MG non-polymer 'MAGNESIUM ION' 'Mg 2'
MG7 non-polymer 7-METHYLGUANOSINE 'C11 H16 N5 O5 1'
MGF non-polymer TRIFLUOROMAGNESATE 'F3 Mg -1'
PGE non-polymer 'TRIETHYLENE GLYCOL' 'C6 H14 O4'
#
# COMPACT_ATOMS: atom_id res chain seq x y z
N ARG A 13 -42.51 10.64 -19.19
CA ARG A 13 -41.10 10.31 -18.97
C ARG A 13 -40.64 10.77 -17.60
N LEU A 14 -39.74 10.02 -16.96
CA LEU A 14 -39.42 10.38 -15.58
C LEU A 14 -38.37 11.47 -15.54
N ARG A 15 -38.65 12.49 -14.73
CA ARG A 15 -37.72 13.58 -14.53
C ARG A 15 -37.27 13.52 -13.10
N LEU A 16 -35.99 13.80 -12.87
CA LEU A 16 -35.44 13.70 -11.51
C LEU A 16 -36.16 14.61 -10.55
N GLN A 17 -36.60 15.78 -11.02
CA GLN A 17 -37.24 16.74 -10.12
C GLN A 17 -38.57 16.21 -9.62
N ASP A 18 -39.06 15.14 -10.23
CA ASP A 18 -40.29 14.48 -9.84
C ASP A 18 -40.00 13.21 -9.05
N ILE A 19 -38.75 13.02 -8.63
CA ILE A 19 -38.40 11.82 -7.87
C ILE A 19 -37.81 12.25 -6.52
N PRO A 20 -38.62 12.27 -5.45
CA PRO A 20 -38.23 12.98 -4.22
C PRO A 20 -36.91 12.52 -3.59
N ALA A 21 -36.69 11.21 -3.57
CA ALA A 21 -35.50 10.67 -2.92
C ALA A 21 -34.23 11.17 -3.62
N LEU A 22 -34.32 11.44 -4.92
CA LEU A 22 -33.15 11.91 -5.64
C LEU A 22 -32.96 13.42 -5.60
N THR A 23 -33.87 14.15 -4.95
CA THR A 23 -33.72 15.61 -4.91
C THR A 23 -33.16 16.08 -3.56
N GLN A 24 -32.89 15.13 -2.66
CA GLN A 24 -32.42 15.44 -1.32
C GLN A 24 -30.97 15.92 -1.32
N ASP A 25 -30.61 16.76 -0.33
CA ASP A 25 -29.29 17.37 -0.27
C ASP A 25 -28.18 16.33 -0.21
N HIS A 26 -28.45 15.17 0.39
CA HIS A 26 -27.39 14.17 0.58
C HIS A 26 -27.19 13.25 -0.63
N CYS A 27 -27.96 13.49 -1.69
CA CYS A 27 -27.87 12.73 -2.92
C CYS A 27 -27.06 13.55 -3.91
N ARG A 28 -25.82 13.15 -4.16
CA ARG A 28 -24.94 13.91 -5.04
C ARG A 28 -24.77 13.20 -6.38
N MET A 29 -24.91 13.94 -7.47
CA MET A 29 -24.73 13.34 -8.79
C MET A 29 -23.88 14.23 -9.68
N ARG A 30 -22.82 13.67 -10.24
CA ARG A 30 -21.95 14.40 -11.16
C ARG A 30 -22.69 14.81 -12.43
N ASP A 31 -23.56 13.92 -12.92
CA ASP A 31 -24.32 14.16 -14.14
C ASP A 31 -25.77 13.69 -13.96
N PRO A 32 -26.60 14.54 -13.37
CA PRO A 32 -28.01 14.17 -13.12
C PRO A 32 -28.75 13.76 -14.41
N ALA A 33 -28.46 14.39 -15.55
CA ALA A 33 -29.12 14.01 -16.80
C ALA A 33 -28.83 12.55 -17.18
N GLU A 34 -27.60 12.11 -16.98
CA GLU A 34 -27.26 10.71 -17.24
C GLU A 34 -27.99 9.76 -16.27
N VAL A 35 -28.03 10.12 -15.00
CA VAL A 35 -28.76 9.31 -14.04
C VAL A 35 -30.23 9.22 -14.46
N GLU A 36 -30.78 10.33 -14.91
CA GLU A 36 -32.19 10.35 -15.33
C GLU A 36 -32.42 9.42 -16.52
N ARG A 37 -31.48 9.46 -17.47
CA ARG A 37 -31.57 8.58 -18.64
C ARG A 37 -31.51 7.10 -18.24
N ILE A 38 -30.60 6.78 -17.33
CA ILE A 38 -30.43 5.38 -16.91
C ILE A 38 -31.70 4.90 -16.21
N ILE A 39 -32.26 5.75 -15.34
CA ILE A 39 -33.51 5.38 -14.66
C ILE A 39 -34.60 5.09 -15.68
N ASN A 40 -34.70 5.96 -16.69
CA ASN A 40 -35.76 5.75 -17.68
C ASN A 40 -35.54 4.44 -18.47
N GLU A 41 -34.27 4.10 -18.72
CA GLU A 41 -33.98 2.80 -19.34
C GLU A 41 -34.41 1.62 -18.48
N PHE A 42 -34.12 1.69 -17.17
CA PHE A 42 -34.50 0.59 -16.28
C PHE A 42 -36.02 0.47 -16.29
N VAL A 43 -36.70 1.62 -16.29
CA VAL A 43 -38.18 1.56 -16.26
C VAL A 43 -38.78 0.99 -17.56
N ILE A 44 -38.26 1.40 -18.70
CA ILE A 44 -38.65 0.82 -19.99
C ILE A 44 -38.42 -0.70 -20.02
N GLY A 45 -37.26 -1.11 -19.53
CA GLY A 45 -36.85 -2.51 -19.59
C GLY A 45 -37.65 -3.46 -18.73
N GLY A 46 -38.13 -3.00 -17.57
CA GLY A 46 -38.86 -3.87 -16.66
C GLY A 46 -38.03 -4.69 -15.69
N PRO A 47 -38.68 -5.28 -14.67
CA PRO A 47 -37.90 -6.05 -13.68
C PRO A 47 -37.19 -7.26 -14.25
N GLU A 48 -37.70 -7.82 -15.36
CA GLU A 48 -37.12 -9.05 -15.93
C GLU A 48 -35.71 -8.85 -16.49
N ARG A 49 -35.28 -7.60 -16.61
N ARG A 49 -35.31 -7.59 -16.66
CA ARG A 49 -33.94 -7.36 -17.10
CA ARG A 49 -33.97 -7.24 -17.15
C ARG A 49 -33.00 -6.80 -16.05
C ARG A 49 -32.99 -6.83 -16.04
N MET A 50 -33.50 -6.67 -14.82
CA MET A 50 -32.69 -6.11 -13.73
C MET A 50 -31.92 -7.16 -12.93
N GLN A 51 -30.75 -6.77 -12.40
CA GLN A 51 -30.08 -7.53 -11.34
C GLN A 51 -29.37 -6.56 -10.43
N ILE A 52 -29.14 -6.98 -9.18
CA ILE A 52 -28.47 -6.14 -8.19
C ILE A 52 -27.17 -6.80 -7.80
N VAL A 53 -26.09 -6.02 -7.69
CA VAL A 53 -24.85 -6.54 -7.14
C VAL A 53 -24.47 -5.56 -6.02
N SER A 54 -24.40 -6.06 -4.80
CA SER A 54 -24.15 -5.20 -3.64
C SER A 54 -23.04 -5.73 -2.75
N ASP A 55 -22.26 -4.81 -2.21
CA ASP A 55 -21.28 -5.09 -1.16
C ASP A 55 -22.07 -5.41 0.12
N PHE A 56 -21.44 -6.05 1.11
CA PHE A 56 -22.09 -6.27 2.40
C PHE A 56 -21.59 -5.29 3.49
N ASP A 57 -20.32 -5.37 3.86
CA ASP A 57 -19.86 -4.63 5.04
C ASP A 57 -19.93 -3.12 4.82
N TYR A 58 -20.73 -2.45 5.65
CA TYR A 58 -20.93 -0.99 5.60
C TYR A 58 -21.71 -0.50 4.37
N THR A 59 -22.27 -1.44 3.61
CA THR A 59 -23.28 -1.13 2.59
C THR A 59 -24.61 -1.65 3.07
N ILE A 60 -24.69 -2.96 3.34
CA ILE A 60 -25.91 -3.52 3.89
C ILE A 60 -25.95 -3.28 5.37
N THR A 61 -24.81 -3.42 6.06
CA THR A 61 -24.75 -2.94 7.43
C THR A 61 -24.50 -1.43 7.43
N LYS A 62 -24.91 -0.79 8.50
CA LYS A 62 -24.86 0.67 8.55
C LYS A 62 -23.47 1.18 8.79
N GLN A 63 -23.19 2.36 8.23
CA GLN A 63 -21.95 3.10 8.53
C GLN A 63 -22.09 3.86 9.85
N ARG A 64 -23.33 4.18 10.23
CA ARG A 64 -23.59 4.93 11.45
C ARG A 64 -24.89 4.47 12.07
N THR A 65 -24.83 4.05 13.34
CA THR A 65 -26.05 3.60 14.03
C THR A 65 -26.68 4.72 14.84
N GLU A 66 -27.98 4.56 15.15
CA GLU A 66 -28.70 5.58 15.89
C GLU A 66 -28.23 5.67 17.34
N ASP A 67 -27.99 4.51 17.94
CA ASP A 67 -27.61 4.41 19.35
C ASP A 67 -26.10 4.53 19.60
N GLY A 68 -25.33 4.63 18.51
CA GLY A 68 -23.90 4.85 18.62
C GLY A 68 -23.11 3.57 18.82
N GLY A 69 -23.79 2.43 18.82
CA GLY A 69 -23.10 1.16 18.96
C GLY A 69 -22.23 0.89 17.76
N ALA A 70 -21.09 0.24 17.98
CA ALA A 70 -20.19 -0.12 16.88
C ALA A 70 -20.78 -1.25 16.05
N VAL A 71 -20.47 -1.25 14.77
CA VAL A 71 -20.86 -2.39 13.91
C VAL A 71 -19.60 -3.05 13.39
N PRO A 72 -19.40 -4.33 13.70
CA PRO A 72 -18.18 -5.02 13.27
C PRO A 72 -18.28 -5.42 11.80
N SER A 73 -17.14 -5.77 11.21
CA SER A 73 -17.18 -6.31 9.87
C SER A 73 -17.50 -7.81 9.97
N SER A 74 -17.74 -8.44 8.83
CA SER A 74 -17.94 -9.89 8.78
C SER A 74 -16.76 -10.67 9.44
N PHE A 75 -15.53 -10.20 9.16
CA PHE A 75 -14.35 -10.78 9.82
C PHE A 75 -14.40 -10.53 11.32
N GLY A 76 -14.80 -9.33 11.73
CA GLY A 76 -14.93 -9.00 13.15
C GLY A 76 -15.92 -9.90 13.89
N ILE A 77 -16.99 -10.23 13.19
CA ILE A 77 -18.00 -11.15 13.72
C ILE A 77 -17.36 -12.50 13.98
N PHE A 78 -16.58 -12.97 12.99
CA PHE A 78 -15.84 -14.22 13.24
C PHE A 78 -14.86 -14.13 14.43
N ASN A 79 -14.06 -13.07 14.47
CA ASN A 79 -13.10 -12.90 15.53
C ASN A 79 -13.70 -12.74 16.93
N ALA A 80 -14.97 -12.38 17.00
CA ALA A 80 -15.62 -12.29 18.32
C ALA A 80 -16.09 -13.64 18.90
N CYS A 81 -15.97 -14.71 18.11
CA CYS A 81 -16.42 -16.03 18.58
C CYS A 81 -15.57 -16.62 19.73
N GLN A 82 -16.21 -17.40 20.59
CA GLN A 82 -15.57 -17.85 21.84
C GLN A 82 -14.60 -19.04 21.80
N SER A 83 -14.73 -19.89 20.79
CA SER A 83 -13.98 -21.15 20.71
C SER A 83 -12.69 -21.05 19.89
N LEU A 84 -12.25 -19.82 19.62
CA LEU A 84 -11.01 -19.62 18.91
C LEU A 84 -9.83 -19.87 19.84
N PRO A 85 -8.69 -20.27 19.28
CA PRO A 85 -7.47 -20.43 20.07
C PRO A 85 -7.15 -19.13 20.80
N GLU A 86 -6.54 -19.21 21.98
CA GLU A 86 -6.24 -18.01 22.78
C GLU A 86 -5.35 -17.01 22.01
N ASN A 87 -4.55 -17.57 21.11
CA ASN A 87 -3.64 -16.88 20.22
C ASN A 87 -4.35 -15.98 19.18
N PHE A 88 -5.61 -16.32 18.87
CA PHE A 88 -6.17 -15.94 17.57
C PHE A 88 -6.40 -14.45 17.27
N LYS A 89 -7.27 -13.80 18.03
CA LYS A 89 -7.63 -12.41 17.70
C LYS A 89 -6.43 -11.47 17.83
N ALA A 90 -5.50 -11.81 18.70
CA ALA A 90 -4.28 -11.03 18.80
C ALA A 90 -3.46 -11.09 17.49
N GLU A 91 -3.34 -12.30 16.94
CA GLU A 91 -2.58 -12.54 15.71
C GLU A 91 -3.26 -11.89 14.50
N THR A 92 -4.58 -12.05 14.41
CA THR A 92 -5.29 -11.37 13.33
C THR A 92 -5.16 -9.86 13.49
N ASP A 93 -5.14 -9.38 14.73
CA ASP A 93 -4.97 -7.95 15.02
C ASP A 93 -3.62 -7.46 14.51
N LYS A 94 -2.58 -8.26 14.70
CA LYS A 94 -1.28 -7.94 14.14
C LYS A 94 -1.31 -7.82 12.63
N LEU A 95 -1.91 -8.84 11.99
CA LEU A 95 -1.99 -8.77 10.53
C LEU A 95 -2.76 -7.51 10.06
N TYR A 96 -3.84 -7.19 10.76
CA TYR A 96 -4.63 -6.00 10.48
C TYR A 96 -3.75 -4.75 10.60
N HIS A 97 -3.00 -4.68 11.68
CA HIS A 97 -2.08 -3.55 11.89
C HIS A 97 -1.11 -3.42 10.73
N LYS A 98 -0.61 -4.54 10.22
CA LYS A 98 0.31 -4.42 9.09
C LYS A 98 -0.36 -4.01 7.74
N TYR A 99 -1.48 -4.64 7.44
CA TYR A 99 -2.02 -4.54 6.08
C TYR A 99 -3.11 -3.51 5.85
N ARG A 100 -3.87 -3.19 6.90
CA ARG A 100 -4.88 -2.14 6.77
C ARG A 100 -4.32 -0.80 6.27
N PRO A 101 -3.16 -0.34 6.80
CA PRO A 101 -2.58 0.92 6.31
C PRO A 101 -2.29 0.85 4.81
N ILE A 102 -1.92 -0.33 4.34
CA ILE A 102 -1.59 -0.52 2.94
C ILE A 102 -2.86 -0.49 2.09
N GLU A 103 -3.89 -1.17 2.60
CA GLU A 103 -5.18 -1.22 1.93
C GLU A 103 -5.71 0.17 1.63
N ILE A 104 -5.55 1.08 2.59
CA ILE A 104 -6.08 2.42 2.38
C ILE A 104 -5.05 3.46 1.90
N ASP A 105 -3.82 3.05 1.60
CA ASP A 105 -2.79 3.98 1.12
C ASP A 105 -3.26 4.73 -0.13
N PRO A 106 -3.26 6.07 -0.06
CA PRO A 106 -3.80 6.83 -1.19
C PRO A 106 -2.83 7.00 -2.36
N HIS A 107 -1.56 6.64 -2.15
CA HIS A 107 -0.56 6.85 -3.19
C HIS A 107 -0.17 5.56 -3.95
N MET A 108 -0.33 4.42 -3.30
CA MET A 108 0.11 3.15 -3.85
C MET A 108 -0.71 2.69 -5.05
N PRO A 109 -0.03 2.34 -6.14
CA PRO A 109 -0.74 1.86 -7.33
C PRO A 109 -1.53 0.61 -7.00
N ILE A 110 -2.63 0.40 -7.68
CA ILE A 110 -3.47 -0.75 -7.37
C ILE A 110 -2.72 -2.06 -7.53
N ALA A 111 -1.84 -2.17 -8.53
CA ALA A 111 -1.08 -3.41 -8.71
C ALA A 111 -0.26 -3.79 -7.48
N GLU A 112 0.33 -2.81 -6.81
CA GLU A 112 1.11 -3.04 -5.59
C GLU A 112 0.21 -3.41 -4.40
N LYS A 113 -0.88 -2.65 -4.28
CA LYS A 113 -1.88 -2.97 -3.25
C LYS A 113 -2.37 -4.40 -3.40
N VAL A 114 -2.58 -4.85 -4.62
CA VAL A 114 -3.10 -6.19 -4.86
C VAL A 114 -2.15 -7.26 -4.33
N GLN A 115 -0.85 -7.09 -4.57
CA GLN A 115 0.18 -7.98 -4.03
C GLN A 115 0.03 -8.08 -2.51
N TYR A 116 -0.05 -6.89 -1.90
CA TYR A 116 -0.17 -6.94 -0.43
C TYR A 116 -1.49 -7.58 0.09
N MET A 117 -2.61 -7.30 -0.57
CA MET A 117 -3.90 -7.85 -0.13
C MET A 117 -3.90 -9.36 -0.31
N ILE A 118 -3.25 -9.82 -1.36
CA ILE A 118 -3.11 -11.27 -1.51
C ILE A 118 -2.36 -11.82 -0.31
N GLU A 119 -1.26 -11.15 0.06
CA GLU A 119 -0.57 -11.61 1.29
C GLU A 119 -1.49 -11.67 2.52
N TRP A 120 -2.26 -10.61 2.75
CA TRP A 120 -3.11 -10.50 3.93
C TRP A 120 -4.17 -11.60 3.97
N TRP A 121 -4.91 -11.79 2.88
CA TRP A 121 -5.95 -12.81 2.88
C TRP A 121 -5.35 -14.22 2.98
N THR A 122 -4.16 -14.41 2.39
CA THR A 122 -3.48 -15.70 2.50
C THR A 122 -3.12 -16.02 3.95
N LYS A 123 -2.47 -15.07 4.61
CA LYS A 123 -2.04 -15.28 5.98
C LYS A 123 -3.23 -15.39 6.95
N SER A 124 -4.27 -14.62 6.69
CA SER A 124 -5.49 -14.71 7.49
C SER A 124 -6.07 -16.12 7.33
N GLY A 125 -6.06 -16.66 6.12
CA GLY A 125 -6.54 -18.02 5.91
C GLY A 125 -5.68 -19.05 6.64
N GLU A 126 -4.37 -18.84 6.60
CA GLU A 126 -3.47 -19.77 7.27
C GLU A 126 -3.61 -19.77 8.78
N LEU A 127 -3.96 -18.62 9.35
CA LEU A 127 -4.32 -18.58 10.78
C LEU A 127 -5.61 -19.35 11.07
N THR A 128 -6.55 -19.26 10.13
CA THR A 128 -7.86 -19.84 10.32
C THR A 128 -7.85 -21.30 9.87
N SER A 129 -7.02 -22.10 10.53
N SER A 129 -6.96 -22.08 10.49
CA SER A 129 -6.77 -23.47 10.10
CA SER A 129 -6.75 -23.47 10.10
C SER A 129 -6.29 -24.27 11.29
C SER A 129 -6.31 -24.26 11.31
N GLY A 130 -6.65 -25.55 11.31
CA GLY A 130 -6.08 -26.48 12.27
C GLY A 130 -6.87 -26.74 13.54
N PHE A 131 -8.04 -26.13 13.69
CA PHE A 131 -8.87 -26.35 14.89
C PHE A 131 -10.32 -26.48 14.43
N PRO A 132 -11.16 -27.19 15.20
CA PRO A 132 -12.56 -27.31 14.76
C PRO A 132 -13.34 -26.03 15.04
N PHE A 133 -14.42 -25.82 14.30
CA PHE A 133 -15.23 -24.63 14.53
C PHE A 133 -16.69 -24.92 14.20
N ASP A 134 -17.56 -24.59 15.13
CA ASP A 134 -19.02 -24.75 14.95
C ASP A 134 -19.62 -23.41 14.47
N GLN A 135 -20.29 -23.45 13.32
CA GLN A 135 -20.96 -22.28 12.74
C GLN A 135 -21.93 -21.57 13.71
N SER A 136 -22.47 -22.32 14.66
CA SER A 136 -23.44 -21.73 15.60
C SER A 136 -22.84 -20.63 16.50
N GLU A 137 -21.51 -20.65 16.66
CA GLU A 137 -20.84 -19.56 17.36
C GLU A 137 -21.05 -18.28 16.56
N ILE A 138 -20.77 -18.40 15.24
CA ILE A 138 -20.97 -17.26 14.37
C ILE A 138 -22.39 -16.83 14.47
N ASP A 139 -23.33 -17.76 14.40
CA ASP A 139 -24.74 -17.35 14.49
C ASP A 139 -25.06 -16.54 15.76
N GLN A 140 -24.49 -16.98 16.89
CA GLN A 140 -24.73 -16.30 18.15
C GLN A 140 -24.22 -14.87 18.07
N ILE A 141 -23.04 -14.68 17.50
CA ILE A 141 -22.56 -13.29 17.39
C ILE A 141 -23.38 -12.46 16.38
N ALA A 142 -23.64 -13.03 15.21
CA ALA A 142 -24.30 -12.34 14.13
C ALA A 142 -25.67 -11.88 14.55
N SER A 143 -26.31 -12.65 15.43
CA SER A 143 -27.66 -12.32 15.87
C SER A 143 -27.77 -10.92 16.50
N LYS A 144 -26.68 -10.47 17.11
CA LYS A 144 -26.64 -9.16 17.76
C LYS A 144 -26.63 -7.99 16.77
N TYR A 145 -26.48 -8.27 15.48
CA TYR A 145 -26.29 -7.22 14.48
C TYR A 145 -27.34 -7.19 13.38
N THR A 146 -28.38 -8.00 13.53
CA THR A 146 -29.48 -7.96 12.56
C THR A 146 -30.27 -6.64 12.67
N HIS A 147 -30.10 -5.95 13.79
CA HIS A 147 -30.74 -4.65 14.02
C HIS A 147 -29.88 -3.51 13.48
N ALA A 148 -28.72 -3.83 12.92
CA ALA A 148 -27.79 -2.81 12.45
C ALA A 148 -27.71 -2.71 10.93
N LEU A 149 -28.72 -3.22 10.23
CA LEU A 149 -28.71 -3.08 8.78
C LEU A 149 -29.28 -1.73 8.42
N ARG A 150 -29.04 -1.27 7.19
CA ARG A 150 -29.58 0.03 6.77
C ARG A 150 -31.11 0.00 6.92
N ASP A 151 -31.66 1.16 7.28
CA ASP A 151 -33.13 1.27 7.38
C ASP A 151 -33.79 0.81 6.08
N ARG A 152 -34.88 0.04 6.20
CA ARG A 152 -35.66 -0.43 5.05
C ARG A 152 -34.91 -1.50 4.25
N THR A 153 -33.86 -2.09 4.82
CA THR A 153 -33.21 -3.24 4.15
C THR A 153 -34.19 -4.39 3.96
N HIS A 154 -35.03 -4.64 4.98
N HIS A 154 -35.02 -4.66 4.97
CA HIS A 154 -35.99 -5.74 4.88
CA HIS A 154 -35.99 -5.74 4.86
C HIS A 154 -36.93 -5.49 3.70
C HIS A 154 -36.95 -5.49 3.69
N GLU A 155 -37.40 -4.25 3.56
CA GLU A 155 -38.33 -3.87 2.50
C GLU A 155 -37.66 -3.96 1.13
N PHE A 156 -36.39 -3.57 1.07
CA PHE A 156 -35.62 -3.64 -0.17
C PHE A 156 -35.49 -5.09 -0.66
N PHE A 157 -35.08 -5.97 0.24
CA PHE A 157 -34.93 -7.37 -0.16
C PHE A 157 -36.29 -8.01 -0.46
N ALA A 158 -37.35 -7.59 0.26
CA ALA A 158 -38.69 -8.07 -0.09
C ALA A 158 -39.11 -7.63 -1.50
N ASP A 159 -38.81 -6.37 -1.88
CA ASP A 159 -39.08 -5.85 -3.24
C ASP A 159 -38.36 -6.72 -4.25
N LEU A 160 -37.09 -6.97 -3.98
CA LEU A 160 -36.31 -7.78 -4.93
C LEU A 160 -36.89 -9.17 -5.10
N GLN A 161 -37.29 -9.78 -4.00
CA GLN A 161 -37.88 -11.11 -4.09
C GLN A 161 -39.20 -11.10 -4.86
N ARG A 162 -40.04 -10.12 -4.54
CA ARG A 162 -41.37 -10.02 -5.17
C ARG A 162 -41.24 -9.81 -6.68
N LEU A 163 -40.23 -9.03 -7.06
CA LEU A 163 -39.98 -8.71 -8.48
C LEU A 163 -39.18 -9.80 -9.20
N GLY A 164 -38.69 -10.79 -8.46
CA GLY A 164 -37.91 -11.88 -9.02
C GLY A 164 -36.54 -11.44 -9.53
N ILE A 165 -35.97 -10.41 -8.90
CA ILE A 165 -34.70 -9.84 -9.35
C ILE A 165 -33.53 -10.52 -8.66
N PRO A 166 -32.64 -11.16 -9.43
CA PRO A 166 -31.45 -11.78 -8.82
C PRO A 166 -30.59 -10.75 -8.13
N THR A 167 -30.15 -11.09 -6.93
CA THR A 167 -29.42 -10.17 -6.09
C THR A 167 -28.17 -10.89 -5.62
N LEU A 168 -27.00 -10.33 -5.92
CA LEU A 168 -25.74 -10.94 -5.50
C LEU A 168 -25.15 -10.06 -4.43
N VAL A 169 -24.83 -10.65 -3.29
CA VAL A 169 -24.04 -9.96 -2.29
C VAL A 169 -22.60 -10.44 -2.50
N PHE A 170 -21.74 -9.52 -2.95
CA PHE A 170 -20.38 -9.81 -3.42
C PHE A 170 -19.47 -9.14 -2.38
N SER A 171 -18.77 -9.94 -1.59
CA SER A 171 -18.10 -9.43 -0.40
C SER A 171 -16.69 -10.00 -0.26
N ALA A 172 -15.70 -9.15 0.01
CA ALA A 172 -14.34 -9.61 0.24
C ALA A 172 -14.16 -10.03 1.70
N GLY A 173 -15.26 -10.07 2.44
CA GLY A 173 -15.22 -10.38 3.86
C GLY A 173 -15.29 -11.87 4.12
N LEU A 174 -15.82 -12.23 5.29
CA LEU A 174 -15.92 -13.62 5.71
C LEU A 174 -17.37 -14.06 5.44
N GLY A 175 -17.52 -14.88 4.41
CA GLY A 175 -18.82 -15.28 3.89
C GLY A 175 -19.75 -15.91 4.91
N ASN A 176 -19.21 -16.75 5.79
CA ASN A 176 -20.06 -17.37 6.80
C ASN A 176 -20.79 -16.37 7.68
N SER A 177 -20.10 -15.26 7.99
CA SER A 177 -20.69 -14.18 8.79
C SER A 177 -21.75 -13.43 8.00
N VAL A 178 -21.42 -13.12 6.74
CA VAL A 178 -22.39 -12.44 5.87
C VAL A 178 -23.70 -13.24 5.78
N VAL A 179 -23.58 -14.53 5.46
CA VAL A 179 -24.76 -15.38 5.36
C VAL A 179 -25.50 -15.44 6.69
N SER A 180 -24.79 -15.60 7.80
CA SER A 180 -25.49 -15.65 9.10
C SER A 180 -26.31 -14.39 9.40
N VAL A 181 -25.72 -13.23 9.09
CA VAL A 181 -26.41 -11.96 9.33
C VAL A 181 -27.65 -11.86 8.41
N LEU A 182 -27.46 -12.16 7.13
CA LEU A 182 -28.60 -12.00 6.23
C LEU A 182 -29.75 -12.99 6.56
N ARG A 183 -29.38 -14.21 6.92
CA ARG A 183 -30.34 -15.27 7.19
C ARG A 183 -31.12 -14.88 8.42
N GLN A 184 -30.40 -14.44 9.44
CA GLN A 184 -31.10 -14.13 10.68
C GLN A 184 -31.94 -12.84 10.60
N ALA A 185 -31.63 -11.97 9.65
CA ALA A 185 -32.39 -10.75 9.42
C ALA A 185 -33.58 -11.05 8.51
N ASN A 186 -33.75 -12.32 8.15
CA ASN A 186 -34.84 -12.74 7.26
C ASN A 186 -34.85 -12.08 5.88
N VAL A 187 -33.67 -11.88 5.32
CA VAL A 187 -33.56 -11.30 3.98
C VAL A 187 -32.82 -12.21 3.00
N LEU A 188 -32.41 -13.40 3.47
CA LEU A 188 -31.69 -14.32 2.59
C LEU A 188 -32.69 -15.16 1.77
N HIS A 189 -33.39 -14.49 0.86
CA HIS A 189 -34.44 -15.11 0.04
C HIS A 189 -33.82 -15.95 -1.08
N PRO A 190 -34.62 -16.81 -1.73
CA PRO A 190 -34.05 -17.66 -2.78
C PRO A 190 -33.41 -16.93 -3.95
N ASN A 191 -33.78 -15.66 -4.18
CA ASN A 191 -33.16 -14.90 -5.26
C ASN A 191 -31.82 -14.26 -4.88
N VAL A 192 -31.42 -14.45 -3.63
CA VAL A 192 -30.22 -13.81 -3.14
C VAL A 192 -29.11 -14.84 -3.10
N LYS A 193 -27.94 -14.49 -3.61
CA LYS A 193 -26.76 -15.38 -3.53
C LYS A 193 -25.61 -14.58 -2.95
N VAL A 194 -24.66 -15.29 -2.33
CA VAL A 194 -23.52 -14.64 -1.71
C VAL A 194 -22.25 -15.21 -2.33
N VAL A 195 -21.40 -14.32 -2.83
CA VAL A 195 -20.07 -14.72 -3.30
C VAL A 195 -19.05 -14.04 -2.38
N SER A 196 -18.25 -14.85 -1.67
CA SER A 196 -17.38 -14.28 -0.65
C SER A 196 -16.33 -15.31 -0.30
N ASN A 197 -15.60 -15.09 0.81
CA ASN A 197 -14.61 -16.06 1.27
C ASN A 197 -15.25 -16.92 2.32
N PHE A 198 -15.51 -18.19 1.99
CA PHE A 198 -16.13 -19.08 2.93
C PHE A 198 -15.09 -20.00 3.60
N LEU A 199 -15.31 -20.27 4.89
CA LEU A 199 -14.47 -21.22 5.62
C LEU A 199 -14.43 -22.58 4.94
N GLN A 200 -13.24 -23.16 4.86
CA GLN A 200 -13.10 -24.48 4.30
C GLN A 200 -12.86 -25.46 5.45
N PHE A 201 -13.51 -26.62 5.39
CA PHE A 201 -13.36 -27.62 6.45
C PHE A 201 -12.86 -28.89 5.85
N ARG A 202 -11.88 -29.49 6.50
CA ARG A 202 -11.40 -30.81 6.10
C ARG A 202 -11.20 -31.72 7.29
N ASP A 203 -11.77 -32.91 7.20
CA ASP A 203 -11.70 -33.87 8.29
C ASP A 203 -12.01 -33.22 9.63
N GLY A 204 -13.02 -32.37 9.64
CA GLY A 204 -13.50 -31.83 10.91
C GLY A 204 -12.75 -30.62 11.43
N LEU A 205 -11.74 -30.14 10.68
CA LEU A 205 -10.96 -28.99 11.13
C LEU A 205 -11.04 -27.87 10.12
N LEU A 206 -10.89 -26.63 10.58
CA LEU A 206 -10.76 -25.54 9.62
C LEU A 206 -9.51 -25.75 8.75
N ASP A 207 -9.58 -25.25 7.53
CA ASP A 207 -8.50 -25.38 6.58
C ASP A 207 -8.41 -24.14 5.70
N GLY A 208 -8.46 -22.98 6.32
CA GLY A 208 -8.42 -21.72 5.59
C GLY A 208 -9.71 -21.42 4.88
N PHE A 209 -9.62 -20.75 3.73
CA PHE A 209 -10.78 -20.30 3.01
C PHE A 209 -10.87 -21.06 1.69
N GLN A 210 -12.09 -21.24 1.23
CA GLN A 210 -12.36 -21.90 -0.05
C GLN A 210 -11.99 -20.97 -1.19
N GLN A 211 -11.20 -21.45 -2.16
CA GLN A 211 -10.84 -20.62 -3.29
C GLN A 211 -12.10 -20.39 -4.11
N PRO A 212 -12.17 -19.28 -4.86
CA PRO A 212 -11.13 -18.26 -5.04
C PRO A 212 -11.06 -17.19 -3.95
N MET A 213 -9.87 -16.62 -3.77
CA MET A 213 -9.71 -15.52 -2.84
C MET A 213 -10.36 -14.26 -3.40
N ILE A 214 -11.13 -13.58 -2.56
CA ILE A 214 -11.76 -12.35 -2.95
C ILE A 214 -11.27 -11.31 -1.97
N HIS A 215 -10.51 -10.33 -2.46
CA HIS A 215 -10.03 -9.27 -1.57
C HIS A 215 -10.57 -7.93 -2.08
N THR A 216 -10.13 -6.85 -1.45
CA THR A 216 -10.74 -5.54 -1.65
C THR A 216 -10.61 -5.10 -3.08
N PHE A 217 -9.55 -5.55 -3.75
CA PHE A 217 -9.24 -5.03 -5.07
C PHE A 217 -9.37 -6.01 -6.24
N ASN A 218 -10.07 -7.12 -6.04
CA ASN A 218 -10.34 -8.00 -7.19
C ASN A 218 -11.83 -8.34 -7.27
N LYS A 219 -12.68 -7.47 -6.73
N LYS A 219 -12.68 -7.48 -6.74
CA LYS A 219 -14.12 -7.70 -6.86
CA LYS A 219 -14.11 -7.68 -6.87
C LYS A 219 -14.57 -7.22 -8.24
C LYS A 219 -14.55 -7.21 -8.24
N ASN A 220 -14.17 -7.97 -9.25
CA ASN A 220 -14.39 -7.53 -10.62
C ASN A 220 -14.37 -8.71 -11.56
N GLU A 221 -14.08 -8.43 -12.83
CA GLU A 221 -14.15 -9.44 -13.87
C GLU A 221 -13.18 -10.61 -13.66
N THR A 222 -12.17 -10.43 -12.80
CA THR A 222 -11.24 -11.54 -12.55
C THR A 222 -11.83 -12.59 -11.60
N VAL A 223 -12.96 -12.27 -10.95
CA VAL A 223 -13.64 -13.21 -10.08
C VAL A 223 -15.05 -13.53 -10.56
N LEU A 224 -15.76 -12.50 -11.01
CA LEU A 224 -17.16 -12.63 -11.44
C LEU A 224 -17.24 -12.30 -12.92
N ASN A 225 -17.42 -13.32 -13.75
CA ASN A 225 -17.43 -13.11 -15.20
C ASN A 225 -18.28 -14.17 -15.88
N GLU A 226 -18.23 -14.23 -17.21
CA GLU A 226 -19.12 -15.12 -17.93
C GLU A 226 -18.85 -16.62 -17.73
N THR A 227 -17.69 -16.95 -17.15
CA THR A 227 -17.36 -18.35 -16.84
C THR A 227 -17.75 -18.73 -15.42
N SER A 228 -18.25 -17.74 -14.65
CA SER A 228 -18.64 -17.98 -13.28
C SER A 228 -19.96 -18.76 -13.18
N GLU A 229 -20.09 -19.59 -12.15
CA GLU A 229 -21.34 -20.32 -11.92
C GLU A 229 -22.52 -19.37 -11.81
N TYR A 230 -22.28 -18.24 -11.16
CA TYR A 230 -23.35 -17.26 -10.95
C TYR A 230 -23.86 -16.70 -12.29
N TYR A 231 -23.01 -16.68 -13.31
CA TYR A 231 -23.39 -16.06 -14.58
C TYR A 231 -24.65 -16.64 -15.19
N ASP A 232 -24.84 -17.95 -15.09
CA ASP A 232 -26.06 -18.52 -15.69
C ASP A 232 -27.35 -17.98 -15.09
N LEU A 233 -27.29 -17.49 -13.85
CA LEU A 233 -28.48 -16.96 -13.23
C LEU A 233 -28.84 -15.56 -13.73
N VAL A 234 -27.87 -14.86 -14.31
CA VAL A 234 -28.08 -13.43 -14.62
C VAL A 234 -27.69 -13.07 -16.06
N HIS A 235 -27.43 -14.07 -16.89
CA HIS A 235 -26.98 -13.70 -18.24
C HIS A 235 -28.02 -12.94 -19.09
N THR A 236 -29.29 -12.94 -18.69
CA THR A 236 -30.34 -12.22 -19.43
C THR A 236 -30.64 -10.89 -18.74
N ARG A 237 -29.86 -10.52 -17.75
N ARG A 237 -29.86 -10.56 -17.72
CA ARG A 237 -30.18 -9.30 -17.02
CA ARG A 237 -30.10 -9.35 -16.92
C ARG A 237 -29.13 -8.23 -17.26
C ARG A 237 -29.08 -8.24 -17.28
N ASP A 238 -29.42 -7.40 -18.26
CA ASP A 238 -28.48 -6.40 -18.75
C ASP A 238 -28.54 -5.06 -18.06
N HIS A 239 -29.48 -4.90 -17.12
CA HIS A 239 -29.60 -3.67 -16.38
C HIS A 239 -29.19 -3.96 -14.96
N ILE A 240 -28.17 -3.24 -14.46
CA ILE A 240 -27.59 -3.62 -13.16
C ILE A 240 -27.54 -2.44 -12.25
N ILE A 241 -27.97 -2.66 -11.00
CA ILE A 241 -27.66 -1.70 -9.95
C ILE A 241 -26.51 -2.25 -9.14
N VAL A 242 -25.46 -1.44 -8.97
CA VAL A 242 -24.28 -1.82 -8.19
C VAL A 242 -24.22 -0.91 -6.99
N MET A 243 -24.07 -1.48 -5.80
CA MET A 243 -24.11 -0.70 -4.57
C MET A 243 -22.89 -1.00 -3.69
N GLY A 244 -22.24 0.05 -3.18
CA GLY A 244 -21.18 -0.22 -2.20
C GLY A 244 -20.74 1.02 -1.48
N ASP A 245 -19.80 0.86 -0.54
CA ASP A 245 -19.32 2.01 0.23
C ASP A 245 -17.87 2.36 -0.08
N SER A 246 -17.22 1.53 -0.92
CA SER A 246 -15.78 1.70 -1.23
C SER A 246 -15.60 1.93 -2.72
N ILE A 247 -14.57 2.66 -3.11
CA ILE A 247 -14.26 2.82 -4.53
C ILE A 247 -14.08 1.46 -5.20
N GLY A 248 -13.48 0.53 -4.47
CA GLY A 248 -13.23 -0.82 -4.95
C GLY A 248 -14.48 -1.66 -5.20
N ASP A 249 -15.66 -1.08 -4.94
CA ASP A 249 -16.93 -1.77 -5.22
C ASP A 249 -17.54 -1.38 -6.58
N ALA A 250 -17.01 -0.31 -7.18
CA ALA A 250 -17.64 0.24 -8.36
C ALA A 250 -17.54 -0.68 -9.60
N ASP A 251 -16.58 -1.60 -9.58
CA ASP A 251 -16.33 -2.53 -10.69
C ASP A 251 -16.93 -3.91 -10.53
N MET A 252 -17.81 -4.08 -9.56
CA MET A 252 -18.29 -5.41 -9.25
C MET A 252 -18.99 -6.11 -10.43
N ALA A 253 -19.57 -5.33 -11.33
CA ALA A 253 -20.28 -5.92 -12.44
C ALA A 253 -19.52 -5.82 -13.76
N SER A 254 -18.23 -5.51 -13.71
N SER A 254 -18.22 -5.51 -13.70
CA SER A 254 -17.48 -5.28 -14.95
CA SER A 254 -17.45 -5.30 -14.92
C SER A 254 -17.33 -6.56 -15.78
C SER A 254 -17.33 -6.56 -15.78
N GLY A 255 -17.48 -7.71 -15.13
CA GLY A 255 -17.35 -8.98 -15.83
C GLY A 255 -18.62 -9.47 -16.51
N VAL A 256 -19.71 -8.69 -16.45
CA VAL A 256 -20.96 -9.07 -17.12
C VAL A 256 -20.88 -8.52 -18.56
N PRO A 257 -20.61 -9.39 -19.58
CA PRO A 257 -20.15 -8.82 -20.85
C PRO A 257 -21.20 -8.04 -21.67
N ALA A 258 -22.48 -8.39 -21.51
CA ALA A 258 -23.50 -7.78 -22.33
C ALA A 258 -24.38 -6.80 -21.57
N SER A 259 -23.88 -6.29 -20.46
CA SER A 259 -24.65 -5.28 -19.75
C SER A 259 -24.82 -4.06 -20.65
N SER A 260 -25.95 -3.39 -20.48
CA SER A 260 -26.23 -2.27 -21.33
C SER A 260 -26.27 -0.99 -20.50
N HIS A 261 -26.84 -1.08 -19.29
CA HIS A 261 -26.93 0.08 -18.41
C HIS A 261 -26.66 -0.31 -16.97
N ILE A 262 -25.72 0.38 -16.33
CA ILE A 262 -25.39 0.11 -14.93
C ILE A 262 -25.54 1.40 -14.16
N MET A 263 -26.19 1.34 -13.01
CA MET A 263 -26.25 2.49 -12.11
C MET A 263 -25.39 2.15 -10.91
N LYS A 264 -24.33 2.94 -10.67
CA LYS A 264 -23.44 2.70 -9.54
C LYS A 264 -23.77 3.67 -8.42
N ILE A 265 -24.11 3.10 -7.27
CA ILE A 265 -24.53 3.88 -6.09
C ILE A 265 -23.49 3.70 -5.00
N GLY A 266 -22.91 4.81 -4.54
CA GLY A 266 -21.89 4.76 -3.50
C GLY A 266 -22.30 5.42 -2.20
N PHE A 267 -22.18 4.70 -1.10
CA PHE A 267 -22.48 5.27 0.20
C PHE A 267 -21.21 5.85 0.78
N LEU A 268 -21.20 7.15 0.99
CA LEU A 268 -19.99 7.80 1.47
C LEU A 268 -20.22 8.33 2.89
N PHE A 269 -19.36 7.92 3.83
CA PHE A 269 -19.51 8.38 5.20
C PHE A 269 -18.21 8.93 5.79
N ASP A 270 -17.11 8.21 5.58
CA ASP A 270 -15.83 8.60 6.15
C ASP A 270 -15.16 9.69 5.31
N HIS A 271 -14.67 10.73 5.98
CA HIS A 271 -13.86 11.77 5.33
C HIS A 271 -14.53 12.32 4.06
N VAL A 272 -15.75 12.82 4.24
CA VAL A 272 -16.62 13.18 3.14
C VAL A 272 -16.00 14.21 2.18
N GLU A 273 -15.50 15.32 2.71
CA GLU A 273 -14.96 16.35 1.80
C GLU A 273 -13.73 15.87 1.03
N ALA A 274 -12.83 15.16 1.73
CA ALA A 274 -11.61 14.64 1.10
C ALA A 274 -11.90 13.63 -0.02
N ASN A 275 -12.96 12.83 0.18
CA ASN A 275 -13.31 11.76 -0.76
C ASN A 275 -14.34 12.13 -1.81
N MET A 276 -14.96 13.29 -1.66
CA MET A 276 -16.13 13.66 -2.47
C MET A 276 -15.83 13.59 -3.96
N LYS A 277 -14.72 14.21 -4.39
CA LYS A 277 -14.39 14.25 -5.81
C LYS A 277 -14.24 12.84 -6.41
N LYS A 278 -13.47 11.99 -5.72
CA LYS A 278 -13.23 10.62 -6.21
C LYS A 278 -14.51 9.80 -6.27
N TYR A 279 -15.29 9.88 -5.19
CA TYR A 279 -16.58 9.21 -5.19
C TYR A 279 -17.50 9.70 -6.33
N MET A 280 -17.52 11.00 -6.59
CA MET A 280 -18.45 11.51 -7.59
C MET A 280 -17.95 11.18 -9.00
N ASP A 281 -16.65 10.98 -9.13
CA ASP A 281 -16.14 10.53 -10.43
C ASP A 281 -16.34 9.03 -10.64
N THR A 282 -16.51 8.29 -9.56
CA THR A 282 -16.61 6.83 -9.66
C THR A 282 -18.05 6.28 -9.68
N PHE A 283 -18.91 6.90 -8.88
CA PHE A 283 -20.30 6.46 -8.75
C PHE A 283 -21.23 7.43 -9.47
N ASP A 284 -22.35 6.92 -9.99
CA ASP A 284 -23.34 7.77 -10.61
C ASP A 284 -24.13 8.53 -9.57
N ILE A 285 -24.41 7.88 -8.45
CA ILE A 285 -25.12 8.55 -7.35
C ILE A 285 -24.28 8.35 -6.12
N VAL A 286 -23.98 9.43 -5.41
CA VAL A 286 -23.23 9.31 -4.15
C VAL A 286 -24.15 9.74 -3.03
N LEU A 287 -24.30 8.88 -2.00
CA LEU A 287 -25.20 9.14 -0.91
C LEU A 287 -24.40 9.44 0.34
N VAL A 288 -24.42 10.71 0.76
CA VAL A 288 -23.63 11.15 1.90
C VAL A 288 -24.38 10.93 3.21
N ASP A 289 -23.81 10.10 4.09
CA ASP A 289 -24.43 9.73 5.38
C ASP A 289 -25.92 9.38 5.27
N ASP A 290 -26.22 8.41 4.42
CA ASP A 290 -27.58 7.96 4.18
C ASP A 290 -27.60 6.55 4.70
N GLN A 291 -28.20 6.35 5.87
CA GLN A 291 -28.17 5.03 6.50
C GLN A 291 -29.43 4.23 6.16
N THR A 292 -29.95 4.42 4.95
CA THR A 292 -31.17 3.76 4.49
C THR A 292 -30.99 3.22 3.09
N MET A 293 -31.91 2.31 2.72
CA MET A 293 -31.97 1.79 1.35
C MET A 293 -33.04 2.53 0.57
N ASP A 294 -33.40 3.74 0.99
CA ASP A 294 -34.52 4.45 0.33
C ASP A 294 -34.23 4.84 -1.13
N VAL A 295 -32.98 5.13 -1.49
CA VAL A 295 -32.71 5.44 -2.91
C VAL A 295 -32.81 4.19 -3.85
N PRO A 296 -32.12 3.07 -3.48
CA PRO A 296 -32.30 1.85 -4.29
C PRO A 296 -33.78 1.41 -4.39
N ARG A 297 -34.47 1.58 -3.25
CA ARG A 297 -35.89 1.21 -3.24
C ARG A 297 -36.71 2.09 -4.12
N THR A 298 -36.36 3.37 -4.20
CA THR A 298 -37.04 4.30 -5.13
C THR A 298 -36.93 3.82 -6.58
N LEU A 299 -35.71 3.41 -6.94
CA LEU A 299 -35.57 2.89 -8.32
C LEU A 299 -36.47 1.66 -8.56
N LEU A 300 -36.45 0.75 -7.58
CA LEU A 300 -37.29 -0.43 -7.74
C LEU A 300 -38.77 -0.09 -7.85
N SER A 301 -39.23 0.88 -7.06
N SER A 301 -39.22 0.89 -7.06
CA SER A 301 -40.65 1.23 -7.09
CA SER A 301 -40.62 1.26 -7.06
C SER A 301 -41.08 1.80 -8.43
C SER A 301 -41.07 1.84 -8.39
N LEU A 302 -40.19 2.57 -9.08
CA LEU A 302 -40.58 3.12 -10.40
C LEU A 302 -40.60 2.02 -11.50
N ILE A 303 -39.62 1.09 -11.38
CA ILE A 303 -39.62 -0.06 -12.30
C ILE A 303 -40.92 -0.86 -12.12
N GLU A 304 -41.29 -1.12 -10.86
CA GLU A 304 -42.46 -1.96 -10.56
C GLU A 304 -43.75 -1.26 -11.01
N LYS A 305 -43.83 0.06 -10.83
N LYS A 305 -43.83 0.06 -10.85
CA LYS A 305 -45.02 0.80 -11.22
CA LYS A 305 -45.04 0.80 -11.23
C LYS A 305 -45.31 0.58 -12.71
C LYS A 305 -45.32 0.59 -12.72
N GLN A 306 -44.27 0.76 -13.53
CA GLN A 306 -44.44 0.53 -14.96
C GLN A 306 -44.76 -0.92 -15.31
N HIS A 307 -44.14 -1.85 -14.57
CA HIS A 307 -44.40 -3.28 -14.78
C HIS A 307 -45.87 -3.57 -14.58
N LYS A 308 -46.44 -2.97 -13.55
CA LYS A 308 -47.86 -3.14 -13.26
C LYS A 308 -48.74 -2.56 -14.35
N LEU A 309 -48.41 -1.35 -14.81
CA LEU A 309 -49.16 -0.79 -15.95
C LEU A 309 -49.16 -1.69 -17.18
N ASN A 310 -47.97 -2.20 -17.53
CA ASN A 310 -47.83 -3.08 -18.71
C ASN A 310 -48.64 -4.39 -18.59
N LEU A 311 -48.81 -4.87 -17.37
CA LEU A 311 -49.61 -6.07 -17.12
C LEU A 311 -51.09 -5.82 -17.36
N ARG B 13 42.16 -10.67 19.22
CA ARG B 13 41.47 -10.65 17.94
C ARG B 13 39.97 -10.78 18.17
N LEU B 14 39.17 -10.12 17.33
CA LEU B 14 37.75 -10.08 17.58
C LEU B 14 37.13 -11.28 16.92
N ARG B 15 36.27 -11.96 17.66
CA ARG B 15 35.53 -13.10 17.13
C ARG B 15 34.07 -12.74 17.08
N LEU B 16 33.38 -13.21 16.04
CA LEU B 16 31.96 -12.88 15.87
C LEU B 16 31.13 -13.28 17.08
N GLN B 17 31.49 -14.40 17.72
CA GLN B 17 30.70 -14.91 18.82
C GLN B 17 30.79 -13.98 20.02
N ASP B 18 31.72 -13.03 19.96
CA ASP B 18 31.88 -12.06 21.05
C ASP B 18 31.32 -10.70 20.67
N ILE B 19 30.60 -10.64 19.54
CA ILE B 19 30.00 -9.37 19.08
C ILE B 19 28.48 -9.56 19.04
N PRO B 20 27.79 -9.18 20.11
CA PRO B 20 26.35 -9.47 20.25
C PRO B 20 25.45 -9.05 19.08
N ALA B 21 25.61 -7.84 18.55
CA ALA B 21 24.79 -7.41 17.43
C ALA B 21 24.88 -8.34 16.22
N LEU B 22 26.03 -8.98 16.03
CA LEU B 22 26.23 -9.84 14.87
C LEU B 22 25.80 -11.30 15.13
N THR B 23 25.35 -11.61 16.35
CA THR B 23 24.94 -12.98 16.62
C THR B 23 23.41 -13.11 16.59
N GLN B 24 22.71 -12.01 16.29
CA GLN B 24 21.24 -12.05 16.32
C GLN B 24 20.65 -12.80 15.11
N ASP B 25 19.45 -13.34 15.28
CA ASP B 25 18.83 -14.17 14.24
C ASP B 25 18.64 -13.40 12.94
N HIS B 26 18.45 -12.08 13.04
CA HIS B 26 18.14 -11.30 11.83
C HIS B 26 19.37 -10.83 11.09
N CYS B 27 20.55 -11.20 11.58
CA CYS B 27 21.80 -10.85 10.95
C CYS B 27 22.27 -12.10 10.21
N ARG B 28 22.22 -12.06 8.89
CA ARG B 28 22.56 -13.22 8.07
C ARG B 28 23.87 -12.96 7.36
N MET B 29 24.77 -13.94 7.37
CA MET B 29 26.03 -13.78 6.65
C MET B 29 26.37 -15.05 5.89
N ARG B 30 26.63 -14.93 4.59
CA ARG B 30 27.00 -16.07 3.79
C ARG B 30 28.36 -16.64 4.23
N ASP B 31 29.28 -15.78 4.63
CA ASP B 31 30.60 -16.23 5.05
C ASP B 31 31.06 -15.44 6.29
N PRO B 32 30.63 -15.91 7.45
CA PRO B 32 30.93 -15.21 8.71
C PRO B 32 32.43 -15.06 8.89
N ALA B 33 33.23 -16.03 8.44
CA ALA B 33 34.67 -15.94 8.64
C ALA B 33 35.27 -14.75 7.88
N GLU B 34 34.76 -14.52 6.67
CA GLU B 34 35.18 -13.37 5.91
C GLU B 34 34.76 -12.07 6.60
N VAL B 35 33.52 -12.02 7.08
CA VAL B 35 33.05 -10.85 7.82
C VAL B 35 33.95 -10.56 9.01
N GLU B 36 34.29 -11.62 9.73
CA GLU B 36 35.13 -11.49 10.92
C GLU B 36 36.49 -10.91 10.54
N ARG B 37 37.06 -11.41 9.44
CA ARG B 37 38.37 -10.93 9.01
C ARG B 37 38.31 -9.44 8.63
N ILE B 38 37.26 -9.06 7.91
CA ILE B 38 37.09 -7.65 7.51
C ILE B 38 36.96 -6.73 8.72
N ILE B 39 36.19 -7.19 9.72
CA ILE B 39 36.05 -6.37 10.93
C ILE B 39 37.41 -6.18 11.57
N ASN B 40 38.17 -7.26 11.68
CA ASN B 40 39.50 -7.11 12.27
C ASN B 40 40.39 -6.16 11.47
N GLU B 41 40.29 -6.20 10.13
CA GLU B 41 41.07 -5.23 9.35
C GLU B 41 40.67 -3.77 9.63
N PHE B 42 39.35 -3.51 9.72
CA PHE B 42 38.88 -2.18 10.06
C PHE B 42 39.42 -1.71 11.42
N VAL B 43 39.43 -2.61 12.40
CA VAL B 43 39.86 -2.26 13.76
C VAL B 43 41.36 -1.98 13.79
N ILE B 44 42.13 -2.81 13.10
CA ILE B 44 43.59 -2.60 12.97
C ILE B 44 43.88 -1.27 12.34
N GLY B 45 43.14 -0.95 11.29
CA GLY B 45 43.37 0.25 10.50
C GLY B 45 43.04 1.56 11.20
N GLY B 46 42.02 1.57 12.03
CA GLY B 46 41.65 2.80 12.71
C GLY B 46 40.68 3.67 11.92
N PRO B 47 40.06 4.62 12.60
CA PRO B 47 39.06 5.47 11.94
C PRO B 47 39.66 6.31 10.83
N GLU B 48 40.95 6.59 10.87
CA GLU B 48 41.58 7.45 9.87
C GLU B 48 41.58 6.82 8.48
N ARG B 49 41.24 5.52 8.41
CA ARG B 49 41.24 4.82 7.14
C ARG B 49 39.83 4.53 6.64
N MET B 50 38.83 4.88 7.44
N MET B 50 38.82 4.91 7.43
CA MET B 50 37.44 4.52 7.15
CA MET B 50 37.45 4.53 7.13
C MET B 50 36.70 5.58 6.33
C MET B 50 36.67 5.59 6.35
N GLN B 51 35.77 5.13 5.49
CA GLN B 51 34.73 6.00 4.96
C GLN B 51 33.43 5.20 4.85
N ILE B 52 32.30 5.90 4.87
CA ILE B 52 30.99 5.26 4.77
C ILE B 52 30.31 5.75 3.47
N VAL B 53 29.66 4.86 2.73
CA VAL B 53 28.85 5.28 1.59
C VAL B 53 27.48 4.64 1.82
N SER B 54 26.46 5.49 2.01
CA SER B 54 25.13 4.99 2.36
C SER B 54 24.07 5.49 1.38
N ASP B 55 23.15 4.58 1.05
CA ASP B 55 21.89 4.95 0.41
C ASP B 55 21.05 5.81 1.38
N PHE B 56 20.07 6.55 0.83
CA PHE B 56 19.13 7.29 1.67
C PHE B 56 17.76 6.60 1.77
N ASP B 57 17.02 6.55 0.68
CA ASP B 57 15.63 6.05 0.70
C ASP B 57 15.53 4.59 1.15
N TYR B 58 14.88 4.42 2.31
CA TYR B 58 14.62 3.10 2.89
C TYR B 58 15.88 2.43 3.44
N THR B 59 16.98 3.16 3.49
CA THR B 59 18.15 2.79 4.26
C THR B 59 18.26 3.70 5.47
N ILE B 60 18.37 5.00 5.24
CA ILE B 60 18.38 5.94 6.36
C ILE B 60 16.94 6.16 6.83
N THR B 61 16.00 6.28 5.89
CA THR B 61 14.60 6.28 6.29
C THR B 61 14.09 4.85 6.50
N LYS B 62 13.14 4.69 7.38
CA LYS B 62 12.71 3.36 7.74
C LYS B 62 12.03 2.64 6.63
N GLN B 63 12.28 1.33 6.55
N GLN B 63 12.32 1.34 6.57
CA GLN B 63 11.54 0.42 5.70
CA GLN B 63 11.55 0.39 5.80
C GLN B 63 10.18 0.11 6.34
C GLN B 63 10.29 0.07 6.59
N ARG B 64 10.17 0.09 7.67
N ARG B 64 9.13 0.43 6.03
CA ARG B 64 8.96 -0.15 8.42
CA ARG B 64 9.06 1.49 5.03
C ARG B 64 8.83 0.78 9.63
C ARG B 64 8.03 2.44 5.63
N THR B 65 7.83 1.64 9.59
N THR B 65 7.93 2.44 6.96
CA THR B 65 7.45 2.51 10.69
CA THR B 65 6.68 2.85 7.60
C THR B 65 6.73 1.71 11.78
C THR B 65 6.66 3.68 8.92
N GLU B 66 6.73 2.22 13.00
N GLU B 66 5.56 4.43 9.09
CA GLU B 66 6.01 1.55 14.08
CA GLU B 66 5.32 5.33 10.22
C GLU B 66 4.48 1.59 13.88
C GLU B 66 4.75 4.66 11.46
N ASP B 67 3.98 2.59 13.17
N ASP B 67 3.51 4.17 11.32
CA ASP B 67 2.55 2.64 12.90
CA ASP B 67 2.85 3.33 12.32
C ASP B 67 2.09 2.04 11.56
C ASP B 67 2.19 2.25 11.51
N GLY B 68 3.02 1.56 10.73
CA GLY B 68 2.61 0.78 9.57
C GLY B 68 2.31 1.61 8.33
N GLY B 69 2.15 2.93 8.49
CA GLY B 69 1.86 3.81 7.37
C GLY B 69 3.11 4.19 6.59
N ALA B 70 2.97 4.45 5.29
CA ALA B 70 4.12 4.56 4.39
C ALA B 70 5.01 5.80 4.57
N VAL B 71 6.32 5.64 4.42
CA VAL B 71 7.22 6.79 4.33
C VAL B 71 7.49 7.01 2.85
N PRO B 72 7.30 8.26 2.37
CA PRO B 72 7.46 8.56 0.94
C PRO B 72 8.93 8.55 0.58
N SER B 73 9.24 8.42 -0.70
CA SER B 73 10.62 8.52 -1.14
C SER B 73 10.98 10.01 -1.09
N SER B 74 12.26 10.32 -1.24
CA SER B 74 12.69 11.71 -1.36
C SER B 74 11.95 12.49 -2.50
N PHE B 75 11.68 11.77 -3.59
CA PHE B 75 10.87 12.33 -4.68
C PHE B 75 9.50 12.68 -4.14
N GLY B 76 8.91 11.78 -3.35
CA GLY B 76 7.56 11.99 -2.85
C GLY B 76 7.48 13.17 -1.90
N ILE B 77 8.58 13.38 -1.18
CA ILE B 77 8.70 14.50 -0.25
C ILE B 77 8.69 15.79 -1.03
N PHE B 78 9.43 15.82 -2.14
CA PHE B 78 9.37 17.02 -3.01
C PHE B 78 7.97 17.22 -3.59
N ASN B 79 7.38 16.15 -4.12
CA ASN B 79 6.10 16.23 -4.82
C ASN B 79 4.95 16.69 -3.94
N ALA B 80 5.12 16.56 -2.65
CA ALA B 80 4.04 16.90 -1.74
C ALA B 80 3.94 18.40 -1.45
N CYS B 81 4.91 19.19 -1.91
CA CYS B 81 4.86 20.64 -1.67
C CYS B 81 3.59 21.23 -2.28
N GLN B 82 2.78 21.91 -1.47
CA GLN B 82 1.47 22.30 -1.98
C GLN B 82 1.50 23.40 -3.08
N SER B 83 2.61 24.14 -3.16
CA SER B 83 2.79 25.20 -4.16
C SER B 83 2.85 24.71 -5.60
N LEU B 84 3.30 23.48 -5.77
CA LEU B 84 3.60 22.93 -7.10
C LEU B 84 2.36 22.99 -8.00
N PRO B 85 2.55 23.20 -9.31
CA PRO B 85 1.45 23.25 -10.29
C PRO B 85 0.63 21.97 -10.26
N GLU B 86 -0.68 22.11 -10.42
CA GLU B 86 -1.62 20.96 -10.49
C GLU B 86 -1.27 20.00 -11.62
N ASN B 87 -0.91 20.55 -12.77
CA ASN B 87 -0.56 19.72 -13.92
C ASN B 87 0.69 18.90 -13.64
N PHE B 88 1.67 19.51 -12.99
CA PHE B 88 2.86 18.78 -12.58
C PHE B 88 2.50 17.58 -11.71
N LYS B 89 1.68 17.82 -10.68
CA LYS B 89 1.33 16.74 -9.74
C LYS B 89 0.58 15.62 -10.46
N ALA B 90 -0.37 16.01 -11.30
CA ALA B 90 -1.15 15.04 -12.06
C ALA B 90 -0.24 14.19 -12.98
N GLU B 91 0.67 14.85 -13.70
CA GLU B 91 1.60 14.15 -14.60
C GLU B 91 2.62 13.25 -13.91
N THR B 92 3.15 13.71 -12.77
CA THR B 92 4.10 12.88 -12.04
C THR B 92 3.37 11.70 -11.38
N ASP B 93 2.13 11.90 -10.95
CA ASP B 93 1.35 10.79 -10.42
C ASP B 93 1.10 9.76 -11.51
N LYS B 94 0.81 10.23 -12.72
CA LYS B 94 0.63 9.31 -13.83
C LYS B 94 1.89 8.49 -14.08
N LEU B 95 3.04 9.18 -14.07
CA LEU B 95 4.30 8.47 -14.27
C LEU B 95 4.49 7.42 -13.22
N TYR B 96 4.18 7.78 -11.97
CA TYR B 96 4.39 6.89 -10.84
C TYR B 96 3.52 5.64 -11.00
N HIS B 97 2.26 5.85 -11.40
CA HIS B 97 1.34 4.72 -11.54
C HIS B 97 1.72 3.83 -12.73
N LYS B 98 2.41 4.39 -13.71
CA LYS B 98 2.92 3.55 -14.79
C LYS B 98 4.17 2.74 -14.42
N TYR B 99 5.17 3.43 -13.84
CA TYR B 99 6.50 2.84 -13.66
C TYR B 99 6.74 2.09 -12.35
N ARG B 100 6.03 2.50 -11.28
CA ARG B 100 6.18 1.82 -10.00
C ARG B 100 5.79 0.33 -10.10
N PRO B 101 4.68 0.00 -10.80
CA PRO B 101 4.37 -1.42 -10.98
C PRO B 101 5.45 -2.20 -11.75
N ILE B 102 6.12 -1.56 -12.72
CA ILE B 102 7.22 -2.19 -13.44
C ILE B 102 8.41 -2.39 -12.50
N GLU B 103 8.70 -1.37 -11.70
CA GLU B 103 9.81 -1.46 -10.75
C GLU B 103 9.77 -2.71 -9.85
N ILE B 104 8.57 -3.08 -9.42
CA ILE B 104 8.43 -4.15 -8.43
C ILE B 104 7.90 -5.45 -9.05
N ASP B 105 7.84 -5.48 -10.37
CA ASP B 105 7.44 -6.71 -11.08
C ASP B 105 8.60 -7.72 -11.05
N PRO B 106 8.43 -8.84 -10.32
CA PRO B 106 9.50 -9.82 -10.19
C PRO B 106 9.68 -10.63 -11.48
N HIS B 107 8.68 -10.55 -12.36
CA HIS B 107 8.70 -11.30 -13.62
C HIS B 107 9.16 -10.45 -14.83
N MET B 108 9.54 -9.21 -14.57
CA MET B 108 10.14 -8.37 -15.60
C MET B 108 11.64 -8.68 -15.62
N PRO B 109 12.16 -9.19 -16.76
CA PRO B 109 13.58 -9.47 -16.97
C PRO B 109 14.40 -8.26 -16.56
N ILE B 110 15.53 -8.47 -15.88
CA ILE B 110 16.27 -7.32 -15.35
C ILE B 110 16.71 -6.27 -16.37
N ALA B 111 17.18 -6.66 -17.56
CA ALA B 111 17.62 -5.63 -18.53
C ALA B 111 16.47 -4.68 -18.97
N GLU B 112 15.30 -5.25 -19.23
CA GLU B 112 14.13 -4.45 -19.58
C GLU B 112 13.72 -3.55 -18.41
N LYS B 113 13.79 -4.08 -17.20
CA LYS B 113 13.46 -3.28 -16.03
C LYS B 113 14.42 -2.09 -15.90
N VAL B 114 15.71 -2.34 -16.11
CA VAL B 114 16.70 -1.26 -16.06
C VAL B 114 16.36 -0.18 -17.05
N GLN B 115 16.05 -0.59 -18.29
CA GLN B 115 15.67 0.43 -19.29
C GLN B 115 14.41 1.23 -18.93
N TYR B 116 13.38 0.54 -18.40
CA TYR B 116 12.18 1.24 -17.91
C TYR B 116 12.49 2.22 -16.79
N MET B 117 13.37 1.84 -15.87
CA MET B 117 13.70 2.71 -14.75
C MET B 117 14.46 3.96 -15.24
N ILE B 118 15.36 3.75 -16.20
CA ILE B 118 16.04 4.89 -16.82
C ILE B 118 15.01 5.84 -17.42
N GLU B 119 14.04 5.27 -18.14
CA GLU B 119 12.97 6.09 -18.71
C GLU B 119 12.24 6.89 -17.61
N TRP B 120 11.88 6.23 -16.54
CA TRP B 120 11.12 6.89 -15.48
C TRP B 120 11.89 8.07 -14.90
N TRP B 121 13.16 7.85 -14.54
CA TRP B 121 13.96 8.92 -13.96
C TRP B 121 14.09 10.07 -14.97
N THR B 122 14.34 9.72 -16.23
CA THR B 122 14.47 10.74 -17.28
C THR B 122 13.20 11.60 -17.41
N LYS B 123 12.05 10.94 -17.51
CA LYS B 123 10.80 11.64 -17.65
C LYS B 123 10.44 12.49 -16.44
N SER B 124 10.89 12.01 -15.28
N SER B 124 10.88 12.03 -15.28
CA SER B 124 10.65 12.72 -14.04
CA SER B 124 10.62 12.76 -14.05
C SER B 124 11.41 14.03 -14.08
C SER B 124 11.41 14.06 -14.07
N GLY B 125 12.66 13.98 -14.53
CA GLY B 125 13.48 15.18 -14.66
C GLY B 125 12.87 16.12 -15.70
N GLU B 126 12.39 15.55 -16.81
CA GLU B 126 11.79 16.38 -17.85
C GLU B 126 10.53 17.10 -17.39
N LEU B 127 9.74 16.48 -16.53
CA LEU B 127 8.52 17.14 -16.03
C LEU B 127 8.87 18.30 -15.11
N THR B 128 10.00 18.19 -14.41
CA THR B 128 10.36 19.09 -13.33
C THR B 128 11.10 20.29 -13.93
N SER B 129 10.38 21.01 -14.78
CA SER B 129 10.99 22.02 -15.60
C SER B 129 9.95 23.06 -15.95
N GLY B 130 10.39 24.31 -16.10
CA GLY B 130 9.56 25.32 -16.70
C GLY B 130 8.82 26.26 -15.75
N PHE B 131 8.83 25.93 -14.46
CA PHE B 131 8.16 26.74 -13.44
C PHE B 131 9.09 27.13 -12.28
N PRO B 132 8.81 28.28 -11.60
CA PRO B 132 9.68 28.67 -10.48
C PRO B 132 9.39 27.76 -9.29
N PHE B 133 10.36 27.59 -8.40
CA PHE B 133 10.15 26.82 -7.19
C PHE B 133 11.14 27.18 -6.07
N ASP B 134 10.61 27.46 -4.89
CA ASP B 134 11.42 27.77 -3.71
C ASP B 134 11.67 26.49 -2.95
N GLN B 135 12.85 25.92 -3.19
CA GLN B 135 13.18 24.60 -2.64
C GLN B 135 13.13 24.57 -1.10
N SER B 136 13.19 25.74 -0.46
CA SER B 136 13.00 25.85 0.98
C SER B 136 11.65 25.28 1.44
N GLU B 137 10.64 25.39 0.56
N GLU B 137 10.64 25.35 0.56
CA GLU B 137 9.32 24.81 0.80
CA GLU B 137 9.33 24.80 0.88
C GLU B 137 9.35 23.30 1.14
C GLU B 137 9.36 23.30 1.19
N ILE B 138 10.38 22.61 0.65
CA ILE B 138 10.54 21.19 0.88
C ILE B 138 10.66 20.94 2.38
N ASP B 139 11.24 21.92 3.06
CA ASP B 139 11.46 21.80 4.50
C ASP B 139 10.16 21.40 5.19
N GLN B 140 9.07 22.04 4.79
CA GLN B 140 7.86 21.87 5.60
C GLN B 140 7.39 20.44 5.46
N ILE B 141 7.62 19.84 4.30
CA ILE B 141 7.26 18.43 4.14
C ILE B 141 8.30 17.55 4.84
N ALA B 142 9.57 17.89 4.67
CA ALA B 142 10.65 17.04 5.16
C ALA B 142 10.58 16.91 6.67
N SER B 143 10.15 18.00 7.30
CA SER B 143 10.09 18.08 8.76
C SER B 143 9.18 16.98 9.29
N LYS B 144 8.26 16.49 8.47
CA LYS B 144 7.33 15.46 8.95
C LYS B 144 7.96 14.08 9.04
N TYR B 145 9.13 13.89 8.43
CA TYR B 145 9.73 12.54 8.33
C TYR B 145 11.05 12.40 9.07
N THR B 146 11.42 13.43 9.83
CA THR B 146 12.64 13.32 10.61
C THR B 146 12.49 12.31 11.75
N HIS B 147 11.25 12.00 12.11
CA HIS B 147 11.00 11.00 13.14
C HIS B 147 10.92 9.60 12.53
N ALA B 148 11.16 9.49 11.22
CA ALA B 148 10.98 8.22 10.52
C ALA B 148 12.31 7.65 10.01
N LEU B 149 13.41 8.05 10.64
CA LEU B 149 14.70 7.50 10.28
C LEU B 149 14.90 6.23 11.10
N ARG B 150 15.80 5.36 10.66
CA ARG B 150 16.11 4.17 11.47
C ARG B 150 16.50 4.55 12.90
N ASP B 151 16.15 3.69 13.86
CA ASP B 151 16.53 3.94 15.24
C ASP B 151 18.02 4.14 15.36
N ARG B 152 18.42 5.11 16.20
CA ARG B 152 19.83 5.42 16.44
C ARG B 152 20.58 5.96 15.22
N THR B 153 19.87 6.47 14.22
CA THR B 153 20.52 7.20 13.12
C THR B 153 21.28 8.41 13.65
N HIS B 154 20.70 9.11 14.62
CA HIS B 154 21.36 10.29 15.15
C HIS B 154 22.71 9.92 15.81
N GLU B 155 22.70 8.84 16.58
CA GLU B 155 23.91 8.34 17.23
C GLU B 155 24.94 7.85 16.21
N PHE B 156 24.48 7.21 15.13
CA PHE B 156 25.35 6.74 14.04
C PHE B 156 26.09 7.92 13.43
N PHE B 157 25.34 8.95 13.03
CA PHE B 157 25.99 10.12 12.46
C PHE B 157 26.88 10.88 13.45
N ALA B 158 26.47 10.91 14.72
CA ALA B 158 27.31 11.54 15.73
C ALA B 158 28.65 10.80 15.89
N ASP B 159 28.60 9.47 15.84
CA ASP B 159 29.81 8.62 15.90
C ASP B 159 30.70 8.97 14.71
N LEU B 160 30.10 9.03 13.52
CA LEU B 160 30.91 9.30 12.32
C LEU B 160 31.59 10.67 12.41
N GLN B 161 30.87 11.66 12.89
CA GLN B 161 31.46 12.99 13.05
C GLN B 161 32.59 13.00 14.07
N ARG B 162 32.35 12.38 15.23
CA ARG B 162 33.34 12.37 16.31
C ARG B 162 34.62 11.68 15.85
N LEU B 163 34.45 10.64 15.03
CA LEU B 163 35.59 9.84 14.57
C LEU B 163 36.27 10.45 13.33
N GLY B 164 35.66 11.50 12.78
CA GLY B 164 36.20 12.14 11.59
C GLY B 164 36.08 11.35 10.31
N ILE B 165 35.06 10.49 10.22
CA ILE B 165 34.93 9.59 9.09
C ILE B 165 34.06 10.22 8.00
N PRO B 166 34.65 10.42 6.81
CA PRO B 166 33.84 10.94 5.69
C PRO B 166 32.66 10.03 5.40
N THR B 167 31.49 10.63 5.21
CA THR B 167 30.28 9.91 5.02
C THR B 167 29.56 10.47 3.81
N LEU B 168 29.37 9.62 2.79
CA LEU B 168 28.65 10.01 1.59
C LEU B 168 27.28 9.38 1.59
N VAL B 169 26.26 10.21 1.42
CA VAL B 169 24.91 9.70 1.19
C VAL B 169 24.73 9.78 -0.32
N PHE B 170 24.72 8.61 -0.96
CA PHE B 170 24.76 8.46 -2.42
C PHE B 170 23.36 7.93 -2.76
N SER B 171 22.55 8.77 -3.39
CA SER B 171 21.13 8.51 -3.56
C SER B 171 20.62 8.77 -4.97
N ALA B 172 19.86 7.82 -5.51
CA ALA B 172 19.17 8.01 -6.79
C ALA B 172 17.90 8.85 -6.61
N GLY B 173 17.67 9.36 -5.40
CA GLY B 173 16.47 10.13 -5.14
C GLY B 173 16.57 11.60 -5.51
N LEU B 174 15.75 12.42 -4.84
CA LEU B 174 15.70 13.84 -5.14
C LEU B 174 16.54 14.50 -4.09
N GLY B 175 17.70 15.00 -4.50
CA GLY B 175 18.72 15.41 -3.54
C GLY B 175 18.29 16.53 -2.59
N ASN B 176 17.48 17.48 -3.07
CA ASN B 176 17.07 18.56 -2.20
C ASN B 176 16.27 18.05 -1.00
N SER B 177 15.52 16.98 -1.24
CA SER B 177 14.74 16.37 -0.16
C SER B 177 15.64 15.65 0.80
N VAL B 178 16.61 14.91 0.27
CA VAL B 178 17.55 14.17 1.10
C VAL B 178 18.25 15.15 2.05
N VAL B 179 18.77 16.24 1.48
CA VAL B 179 19.45 17.26 2.27
C VAL B 179 18.52 17.86 3.30
N SER B 180 17.28 18.16 2.92
CA SER B 180 16.34 18.74 3.88
C SER B 180 16.10 17.85 5.08
N VAL B 181 15.82 16.56 4.81
CA VAL B 181 15.59 15.63 5.91
C VAL B 181 16.82 15.51 6.80
N LEU B 182 17.98 15.35 6.20
CA LEU B 182 19.17 15.14 7.03
C LEU B 182 19.46 16.39 7.85
N ARG B 183 19.34 17.58 7.26
CA ARG B 183 19.63 18.81 7.97
C ARG B 183 18.64 18.97 9.12
N GLN B 184 17.36 18.73 8.85
CA GLN B 184 16.38 18.90 9.92
C GLN B 184 16.44 17.86 11.04
N ALA B 185 17.03 16.70 10.73
CA ALA B 185 17.25 15.65 11.71
C ALA B 185 18.53 15.90 12.48
N ASN B 186 19.19 17.02 12.17
CA ASN B 186 20.45 17.38 12.82
C ASN B 186 21.56 16.37 12.66
N VAL B 187 21.62 15.70 11.49
CA VAL B 187 22.73 14.79 11.21
C VAL B 187 23.56 15.20 10.00
N LEU B 188 23.27 16.36 9.41
CA LEU B 188 24.04 16.79 8.24
C LEU B 188 25.26 17.56 8.69
N HIS B 189 26.21 16.84 9.30
CA HIS B 189 27.43 17.42 9.85
C HIS B 189 28.42 17.71 8.73
N PRO B 190 29.50 18.47 9.05
CA PRO B 190 30.48 18.83 8.02
C PRO B 190 31.15 17.66 7.34
N ASN B 191 31.13 16.48 7.96
CA ASN B 191 31.78 15.32 7.36
C ASN B 191 30.82 14.56 6.44
N VAL B 192 29.58 15.05 6.30
CA VAL B 192 28.57 14.35 5.52
C VAL B 192 28.37 15.10 4.20
N LYS B 193 28.46 14.40 3.07
CA LYS B 193 28.14 14.98 1.75
C LYS B 193 27.07 14.16 1.06
N VAL B 194 26.36 14.78 0.13
CA VAL B 194 25.29 14.09 -0.60
C VAL B 194 25.55 14.18 -2.08
N VAL B 195 25.51 13.02 -2.75
CA VAL B 195 25.56 12.94 -4.20
C VAL B 195 24.22 12.36 -4.62
N SER B 196 23.47 13.10 -5.47
CA SER B 196 22.10 12.71 -5.79
C SER B 196 21.62 13.56 -6.97
N ASN B 197 20.31 13.55 -7.24
CA ASN B 197 19.74 14.33 -8.34
C ASN B 197 19.22 15.60 -7.74
N PHE B 198 19.97 16.70 -7.92
CA PHE B 198 19.56 17.99 -7.41
C PHE B 198 18.81 18.80 -8.45
N LEU B 199 17.80 19.56 -7.99
CA LEU B 199 17.05 20.45 -8.87
C LEU B 199 17.99 21.43 -9.58
N GLN B 200 17.78 21.63 -10.88
CA GLN B 200 18.53 22.64 -11.62
C GLN B 200 17.64 23.83 -11.88
N PHE B 201 18.23 25.03 -11.77
CA PHE B 201 17.50 26.27 -12.06
C PHE B 201 18.22 27.04 -13.13
N ARG B 202 17.45 27.59 -14.04
CA ARG B 202 18.00 28.55 -14.99
C ARG B 202 17.06 29.72 -15.13
N ASP B 203 17.61 30.93 -14.98
CA ASP B 203 16.82 32.14 -15.03
C ASP B 203 15.55 32.07 -14.16
N GLY B 204 15.71 31.51 -12.98
CA GLY B 204 14.63 31.59 -12.00
C GLY B 204 13.58 30.50 -12.14
N LEU B 205 13.75 29.58 -13.10
CA LEU B 205 12.79 28.50 -13.31
C LEU B 205 13.44 27.15 -13.12
N LEU B 206 12.68 26.17 -12.68
CA LEU B 206 13.20 24.80 -12.70
C LEU B 206 13.59 24.37 -14.12
N ASP B 207 14.63 23.54 -14.21
CA ASP B 207 15.15 23.14 -15.51
C ASP B 207 15.62 21.68 -15.42
N GLY B 208 14.78 20.85 -14.81
CA GLY B 208 15.08 19.44 -14.60
C GLY B 208 16.05 19.22 -13.46
N PHE B 209 16.81 18.13 -13.55
CA PHE B 209 17.83 17.80 -12.56
C PHE B 209 19.24 18.07 -13.09
N GLN B 210 20.14 18.48 -12.20
CA GLN B 210 21.54 18.69 -12.55
C GLN B 210 22.23 17.37 -12.90
N GLN B 211 22.82 17.28 -14.10
CA GLN B 211 23.49 16.06 -14.50
C GLN B 211 24.68 15.74 -13.60
N PRO B 212 25.04 14.45 -13.48
CA PRO B 212 24.48 13.30 -14.18
C PRO B 212 23.22 12.71 -13.52
N MET B 213 22.32 12.13 -14.32
CA MET B 213 21.15 11.44 -13.78
C MET B 213 21.63 10.21 -13.01
N ILE B 214 21.19 10.07 -11.77
CA ILE B 214 21.51 8.89 -10.99
C ILE B 214 20.24 8.10 -10.75
N HIS B 215 20.20 6.86 -11.21
CA HIS B 215 19.01 6.03 -11.01
C HIS B 215 19.44 4.81 -10.23
N THR B 216 18.52 3.86 -10.02
CA THR B 216 18.79 2.68 -9.20
C THR B 216 20.03 1.92 -9.62
N PHE B 217 20.30 1.92 -10.92
CA PHE B 217 21.26 0.93 -11.46
C PHE B 217 22.60 1.51 -11.92
N ASN B 218 22.84 2.80 -11.70
CA ASN B 218 24.17 3.33 -12.05
C ASN B 218 24.86 4.02 -10.88
N LYS B 219 24.59 3.53 -9.67
CA LYS B 219 25.27 4.06 -8.49
C LYS B 219 26.58 3.31 -8.33
N ASN B 220 27.52 3.63 -9.21
CA ASN B 220 28.74 2.87 -9.33
C ASN B 220 29.82 3.72 -9.94
N GLU B 221 30.82 3.07 -10.54
CA GLU B 221 31.98 3.77 -11.06
C GLU B 221 31.66 4.73 -12.21
N THR B 222 30.50 4.60 -12.83
CA THR B 222 30.17 5.52 -13.91
C THR B 222 29.79 6.89 -13.37
N VAL B 223 29.47 6.96 -12.08
CA VAL B 223 29.05 8.21 -11.43
C VAL B 223 30.01 8.70 -10.34
N LEU B 224 30.52 7.77 -9.53
CA LEU B 224 31.44 8.11 -8.45
C LEU B 224 32.77 7.39 -8.70
N ASN B 225 33.81 8.15 -9.01
CA ASN B 225 35.10 7.55 -9.34
C ASN B 225 36.24 8.51 -8.99
N GLU B 226 37.44 8.18 -9.42
N GLU B 226 37.44 8.19 -9.43
CA GLU B 226 38.61 8.94 -8.99
CA GLU B 226 38.61 8.95 -8.99
C GLU B 226 38.68 10.33 -9.61
C GLU B 226 38.67 10.34 -9.61
N THR B 227 37.81 10.59 -10.59
CA THR B 227 37.74 11.94 -11.20
C THR B 227 36.63 12.80 -10.59
N SER B 228 35.83 12.21 -9.70
CA SER B 228 34.71 12.92 -9.09
C SER B 228 35.20 13.92 -8.05
N GLU B 229 34.47 15.02 -7.90
CA GLU B 229 34.82 16.05 -6.94
C GLU B 229 34.93 15.46 -5.53
N TYR B 230 34.05 14.51 -5.21
CA TYR B 230 34.03 13.93 -3.88
C TYR B 230 35.30 13.11 -3.58
N TYR B 231 35.93 12.59 -4.64
CA TYR B 231 37.07 11.69 -4.46
C TYR B 231 38.21 12.34 -3.66
N ASP B 232 38.45 13.64 -3.82
CA ASP B 232 39.54 14.24 -3.06
C ASP B 232 39.34 14.18 -1.55
N LEU B 233 38.09 14.04 -1.11
CA LEU B 233 37.81 13.99 0.32
C LEU B 233 38.11 12.61 0.88
N VAL B 234 38.16 11.60 0.01
CA VAL B 234 38.24 10.23 0.53
C VAL B 234 39.34 9.39 -0.09
N HIS B 235 40.26 10.03 -0.82
CA HIS B 235 41.29 9.25 -1.52
C HIS B 235 42.22 8.48 -0.57
N THR B 236 42.23 8.86 0.71
CA THR B 236 43.09 8.17 1.69
C THR B 236 42.29 7.14 2.50
N ARG B 237 41.00 6.96 2.18
CA ARG B 237 40.16 6.09 2.99
C ARG B 237 39.92 4.77 2.24
N ASP B 238 40.75 3.77 2.50
CA ASP B 238 40.67 2.51 1.74
C ASP B 238 39.79 1.46 2.39
N HIS B 239 39.25 1.73 3.58
CA HIS B 239 38.33 0.80 4.22
C HIS B 239 36.94 1.41 4.17
N ILE B 240 35.99 0.70 3.57
CA ILE B 240 34.69 1.30 3.28
C ILE B 240 33.57 0.46 3.82
N ILE B 241 32.64 1.09 4.51
CA ILE B 241 31.34 0.47 4.81
C ILE B 241 30.32 0.99 3.80
N VAL B 242 29.69 0.08 3.06
CA VAL B 242 28.66 0.38 2.07
C VAL B 242 27.34 -0.11 2.59
N MET B 243 26.32 0.75 2.62
CA MET B 243 25.04 0.39 3.24
C MET B 243 23.88 0.70 2.31
N GLY B 244 22.97 -0.24 2.12
CA GLY B 244 21.79 0.09 1.32
C GLY B 244 20.70 -0.95 1.46
N ASP B 245 19.55 -0.72 0.80
CA ASP B 245 18.47 -1.69 0.86
C ASP B 245 18.19 -2.32 -0.49
N SER B 246 18.88 -1.88 -1.54
CA SER B 246 18.66 -2.40 -2.90
C SER B 246 19.90 -3.14 -3.37
N ILE B 247 19.73 -4.18 -4.20
CA ILE B 247 20.88 -4.84 -4.82
C ILE B 247 21.78 -3.83 -5.53
N GLY B 248 21.16 -2.84 -6.20
CA GLY B 248 21.90 -1.79 -6.88
C GLY B 248 22.80 -0.94 -5.98
N ASP B 249 22.62 -1.02 -4.66
CA ASP B 249 23.44 -0.24 -3.74
C ASP B 249 24.80 -0.88 -3.45
N ALA B 250 24.93 -2.17 -3.78
CA ALA B 250 26.16 -2.87 -3.45
C ALA B 250 27.39 -2.37 -4.19
N ASP B 251 27.21 -1.74 -5.34
CA ASP B 251 28.35 -1.26 -6.13
C ASP B 251 28.73 0.20 -5.91
N MET B 252 28.16 0.82 -4.87
CA MET B 252 28.34 2.25 -4.73
C MET B 252 29.80 2.67 -4.61
N ALA B 253 30.66 1.79 -4.11
CA ALA B 253 32.06 2.20 -3.93
C ALA B 253 32.98 1.54 -4.94
N SER B 254 32.40 1.01 -6.01
N SER B 254 32.40 1.01 -6.01
CA SER B 254 33.15 0.30 -7.04
CA SER B 254 33.19 0.29 -7.01
C SER B 254 34.17 1.20 -7.75
C SER B 254 34.16 1.20 -7.77
N GLY B 255 33.89 2.50 -7.74
CA GLY B 255 34.73 3.46 -8.40
C GLY B 255 35.91 3.98 -7.58
N VAL B 256 36.07 3.51 -6.35
CA VAL B 256 37.18 3.93 -5.49
C VAL B 256 38.36 3.00 -5.75
N PRO B 257 39.38 3.44 -6.52
CA PRO B 257 40.29 2.46 -7.12
C PRO B 257 41.21 1.70 -6.14
N ALA B 258 41.55 2.33 -5.03
CA ALA B 258 42.56 1.74 -4.16
C ALA B 258 41.97 1.21 -2.86
N SER B 259 40.67 0.93 -2.88
CA SER B 259 40.05 0.35 -1.70
C SER B 259 40.72 -0.98 -1.41
N SER B 260 40.82 -1.33 -0.13
CA SER B 260 41.45 -2.59 0.25
C SER B 260 40.44 -3.54 0.89
N HIS B 261 39.51 -3.01 1.68
CA HIS B 261 38.47 -3.82 2.31
C HIS B 261 37.15 -3.07 2.34
N ILE B 262 36.08 -3.74 1.89
CA ILE B 262 34.75 -3.12 1.83
C ILE B 262 33.83 -4.08 2.53
N MET B 263 33.05 -3.57 3.49
CA MET B 263 31.98 -4.36 4.07
C MET B 263 30.65 -3.86 3.50
N LYS B 264 29.93 -4.74 2.81
CA LYS B 264 28.64 -4.38 2.22
C LYS B 264 27.49 -4.86 3.10
N ILE B 265 26.68 -3.94 3.58
CA ILE B 265 25.58 -4.22 4.50
C ILE B 265 24.27 -3.93 3.76
N GLY B 266 23.42 -4.95 3.69
CA GLY B 266 22.15 -4.82 2.98
C GLY B 266 20.97 -4.98 3.93
N PHE B 267 20.05 -4.02 3.87
CA PHE B 267 18.82 -4.10 4.64
C PHE B 267 17.74 -4.75 3.79
N LEU B 268 17.24 -5.89 4.24
CA LEU B 268 16.25 -6.66 3.48
C LEU B 268 14.93 -6.65 4.21
N PHE B 269 13.90 -6.11 3.55
CA PHE B 269 12.59 -6.05 4.18
C PHE B 269 11.47 -6.46 3.24
N ASP B 270 11.63 -6.19 1.95
CA ASP B 270 10.61 -6.57 0.99
C ASP B 270 10.86 -7.97 0.45
N HIS B 271 9.81 -8.79 0.45
CA HIS B 271 9.85 -10.13 -0.14
C HIS B 271 11.08 -10.89 0.31
N VAL B 272 11.17 -11.06 1.62
CA VAL B 272 12.37 -11.55 2.26
C VAL B 272 12.81 -12.91 1.72
N GLU B 273 11.89 -13.86 1.72
CA GLU B 273 12.22 -15.23 1.33
C GLU B 273 12.57 -15.33 -0.16
N ALA B 274 11.83 -14.59 -1.00
CA ALA B 274 12.14 -14.52 -2.42
C ALA B 274 13.49 -13.86 -2.75
N ASN B 275 13.90 -12.87 -1.94
CA ASN B 275 15.12 -12.13 -2.25
C ASN B 275 16.35 -12.58 -1.47
N MET B 276 16.15 -13.51 -0.54
CA MET B 276 17.20 -13.85 0.42
C MET B 276 18.49 -14.33 -0.23
N LYS B 277 18.38 -15.20 -1.22
CA LYS B 277 19.58 -15.74 -1.85
C LYS B 277 20.39 -14.65 -2.55
N LYS B 278 19.72 -13.83 -3.36
CA LYS B 278 20.41 -12.78 -4.09
C LYS B 278 21.02 -11.76 -3.12
N TYR B 279 20.28 -11.44 -2.06
CA TYR B 279 20.84 -10.53 -1.06
C TYR B 279 22.06 -11.13 -0.37
N MET B 280 22.02 -12.42 -0.04
CA MET B 280 23.14 -13.00 0.68
C MET B 280 24.34 -13.19 -0.24
N ASP B 281 24.09 -13.30 -1.54
CA ASP B 281 25.20 -13.41 -2.48
C ASP B 281 25.80 -12.06 -2.78
N THR B 282 25.02 -11.00 -2.55
CA THR B 282 25.46 -9.66 -2.91
C THR B 282 26.12 -8.91 -1.75
N PHE B 283 25.58 -9.06 -0.56
CA PHE B 283 26.02 -8.29 0.61
C PHE B 283 26.76 -9.20 1.58
N ASP B 284 27.70 -8.63 2.31
CA ASP B 284 28.43 -9.41 3.31
C ASP B 284 27.58 -9.67 4.54
N ILE B 285 26.76 -8.69 4.91
CA ILE B 285 25.86 -8.85 6.05
C ILE B 285 24.49 -8.45 5.56
N VAL B 286 23.49 -9.32 5.77
CA VAL B 286 22.11 -9.01 5.39
C VAL B 286 21.30 -8.87 6.67
N LEU B 287 20.57 -7.76 6.81
CA LEU B 287 19.85 -7.46 8.03
C LEU B 287 18.37 -7.54 7.72
N VAL B 288 17.69 -8.53 8.28
CA VAL B 288 16.32 -8.83 7.91
C VAL B 288 15.35 -8.11 8.86
N ASP B 289 14.52 -7.23 8.30
CA ASP B 289 13.59 -6.38 9.07
C ASP B 289 14.27 -5.77 10.32
N ASP B 290 15.39 -5.10 10.10
CA ASP B 290 16.14 -4.42 11.14
C ASP B 290 15.93 -2.94 10.93
N GLN B 291 15.14 -2.32 11.81
CA GLN B 291 14.79 -0.90 11.60
C GLN B 291 15.73 0.03 12.37
N THR B 292 16.95 -0.43 12.62
CA THR B 292 17.92 0.32 13.41
C THR B 292 19.27 0.41 12.71
N MET B 293 20.12 1.31 13.22
CA MET B 293 21.50 1.41 12.74
C MET B 293 22.44 0.69 13.70
N ASP B 294 21.93 -0.26 14.47
CA ASP B 294 22.74 -0.91 15.51
C ASP B 294 23.93 -1.72 14.99
N VAL B 295 23.77 -2.35 13.83
CA VAL B 295 24.92 -3.13 13.30
C VAL B 295 26.06 -2.22 12.77
N PRO B 296 25.72 -1.23 11.91
CA PRO B 296 26.77 -0.26 11.52
C PRO B 296 27.44 0.42 12.76
N ARG B 297 26.63 0.77 13.75
N ARG B 297 26.61 0.77 13.75
CA ARG B 297 27.14 1.38 14.96
CA ARG B 297 27.15 1.38 14.96
C ARG B 297 28.08 0.45 15.73
C ARG B 297 28.09 0.46 15.72
N THR B 298 27.78 -0.84 15.71
CA THR B 298 28.64 -1.82 16.35
C THR B 298 30.03 -1.81 15.75
N LEU B 299 30.08 -1.75 14.41
CA LEU B 299 31.38 -1.75 13.77
C LEU B 299 32.18 -0.51 14.18
N LEU B 300 31.47 0.62 14.16
CA LEU B 300 32.17 1.85 14.54
C LEU B 300 32.66 1.79 15.98
N SER B 301 31.87 1.20 16.87
N SER B 301 31.89 1.22 16.91
CA SER B 301 32.27 1.13 18.27
CA SER B 301 32.36 1.20 18.29
C SER B 301 33.55 0.32 18.48
C SER B 301 33.59 0.32 18.49
N LEU B 302 33.69 -0.77 17.73
CA LEU B 302 34.93 -1.57 17.84
C LEU B 302 36.17 -0.85 17.28
N ILE B 303 35.94 -0.15 16.15
CA ILE B 303 36.99 0.71 15.62
C ILE B 303 37.46 1.75 16.65
N GLU B 304 36.47 2.41 17.27
CA GLU B 304 36.75 3.49 18.21
C GLU B 304 37.45 2.98 19.46
N LYS B 305 37.05 1.80 19.94
CA LYS B 305 37.64 1.26 21.15
C LYS B 305 39.14 1.08 20.92
N GLN B 306 39.47 0.47 19.76
CA GLN B 306 40.92 0.31 19.52
C GLN B 306 41.65 1.66 19.34
N HIS B 307 40.97 2.62 18.70
CA HIS B 307 41.57 3.95 18.52
C HIS B 307 41.93 4.60 19.86
N LYS B 308 40.98 4.53 20.79
CA LYS B 308 41.20 5.08 22.12
C LYS B 308 42.35 4.37 22.81
N LEU B 309 42.45 3.04 22.65
CA LEU B 309 43.62 2.34 23.20
C LEU B 309 44.96 2.83 22.60
N ASN B 310 44.98 3.08 21.30
CA ASN B 310 46.20 3.56 20.63
C ASN B 310 46.60 5.00 20.99
N LEU B 311 45.62 5.85 21.29
CA LEU B 311 45.89 7.20 21.77
C LEU B 311 46.67 7.22 23.10
N GLU B 312 46.57 6.15 23.88
CA GLU B 312 47.35 6.01 25.10
C GLU B 312 48.70 5.36 24.78
C1 PGE C . -37.04 7.10 -21.64
O1 PGE C . -38.45 7.25 -21.86
C2 PGE C . -36.34 8.41 -21.91
O2 PGE C . -34.96 8.30 -21.60
C3 PGE C . -34.34 9.56 -21.46
C4 PGE C . -34.32 9.93 -20.00
O4 PGE C . -31.26 12.54 -19.12
C6 PGE C . -32.51 12.94 -19.62
C5 PGE C . -33.04 11.85 -20.54
O3 PGE C . -34.17 11.33 -19.88
MG MG D . -17.98 -2.40 2.28
N9 MG7 E . -10.04 -7.62 6.62
N9 MG7 E . -10.02 -7.63 6.63
C8 MG7 E . -9.42 -8.41 5.73
C8 MG7 E . -9.40 -8.42 5.73
N7 MG7 E . -8.87 -9.48 6.33
N7 MG7 E . -8.86 -9.49 6.33
C5 MG7 E . -9.16 -9.37 7.63
C5 MG7 E . -9.15 -9.38 7.62
C6 MG7 E . -8.85 -10.22 8.80
C6 MG7 E . -8.85 -10.23 8.79
O6 MG7 E . -8.20 -11.25 8.69
O6 MG7 E . -8.20 -11.27 8.69
N1 MG7 E . -9.31 -9.79 9.97
N1 MG7 E . -9.31 -9.80 9.97
C2 MG7 E . -10.02 -8.66 10.11
C2 MG7 E . -10.01 -8.67 10.11
N2 MG7 E . -10.46 -8.30 11.34
N2 MG7 E . -10.45 -8.31 11.33
N3 MG7 E . -10.34 -7.86 9.07
N3 MG7 E . -10.32 -7.86 9.07
C4 MG7 E . -9.94 -8.16 7.83
C4 MG7 E . -9.92 -8.17 7.83
O5' MG7 E . -14.65 -6.94 4.63
O5' MG7 E . -13.74 -6.87 3.69
C5' MG7 E . -13.47 -6.53 3.95
C5' MG7 E . -13.98 -5.95 4.73
C4' MG7 E . -12.58 -5.84 4.98
C4' MG7 E . -12.65 -5.61 5.39
O4' MG7 E . -12.10 -6.74 5.97
O4' MG7 E . -12.12 -6.72 6.11
C1' MG7 E . -10.80 -6.37 6.41
C1' MG7 E . -10.78 -6.38 6.44
CN7 MG7 E . -8.10 -10.57 5.68
CN7 MG7 E . -8.10 -10.58 5.68
C2' MG7 E . -10.24 -5.43 5.36
C2' MG7 E . -10.29 -5.46 5.33
O2' MG7 E . -10.01 -4.20 6.04
O2' MG7 E . -9.99 -4.23 5.99
C3' MG7 E . -11.35 -5.24 4.33
C3' MG7 E . -11.51 -5.24 4.46
O3' MG7 E . -11.61 -3.87 4.05
O3' MG7 E . -11.65 -3.89 4.04
F1 MGF F . -18.84 -6.88 2.13
MG MGF F . -17.37 -5.83 1.56
F2 MGF F . -16.14 -6.35 0.26
F3 MGF F . -17.22 -4.15 2.54
MG MG G . 17.07 2.79 -1.05
N9 MG7 H . 10.92 7.08 -7.45
C8 MG7 H . 11.59 7.23 -8.60
N7 MG7 H . 11.06 8.24 -9.33
C5 MG7 H . 10.04 8.72 -8.63
C6 MG7 H . 9.08 9.80 -8.87
O6 MG7 H . 9.09 10.48 -9.90
N1 MG7 H . 8.16 10.01 -7.91
C2 MG7 H . 8.12 9.29 -6.77
N2 MG7 H . 7.17 9.57 -5.85
N3 MG7 H . 8.99 8.28 -6.49
C4 MG7 H . 9.95 7.97 -7.39
O5' MG7 H . 15.16 5.74 -5.38
C5' MG7 H . 14.19 5.38 -4.41
C4' MG7 H . 12.79 5.26 -5.03
O4' MG7 H . 12.37 6.45 -5.66
C1' MG7 H . 11.20 6.11 -6.38
CN7 MG7 H . 11.54 8.68 -10.66
C2' MG7 H . 11.40 4.68 -6.87
O2' MG7 H . 10.26 3.93 -6.47
C3' MG7 H . 12.63 4.20 -6.11
O3' MG7 H . 12.44 2.90 -5.57
F1 MGF I . 17.01 4.29 -2.25
MG MGF I . 18.29 5.62 -2.73
F2 MGF I . 19.35 5.46 -4.25
F3 MGF I . 18.48 7.10 -1.52
#